data_5CSY
#
_entry.id   5CSY
#
_cell.length_a   69.790
_cell.length_b   73.690
_cell.length_c   79.350
_cell.angle_alpha   64.590
_cell.angle_beta   69.990
_cell.angle_gamma   66.780
#
_symmetry.space_group_name_H-M   'P 1'
#
loop_
_entity.id
_entity.type
_entity.pdbx_description
1 polymer '4-alpha-glucanotransferase DPE1, chloroplastic/amyloplastic'
2 branched alpha-D-glucopyranose-(1-4)-alpha-D-glucopyranose-(1-4)-beta-D-glucopyranose
3 branched alpha-D-glucopyranose-(1-4)-alpha-D-glucopyranose-(1-4)-alpha-D-glucopyranose-(1-4)-beta-D-glucopyranose
4 branched alpha-D-glucopyranose-(1-4)-alpha-D-glucopyranose-(1-4)-alpha-D-glucopyranose-(1-4)-4,6-dideoxy-4-{[(1S,4R,5S,6S)-4,5,6-trihydroxy-3-(hydroxymethyl)cyclohex-2-en-1-yl]amino}-alpha-D-glucopyranose-(1-4)-alpha-D-glucopyranose-(1-4)-alpha-D-glucopyranose
5 non-polymer 1,2-ETHANEDIOL
6 water water
#
_entity_poly.entity_id   1
_entity_poly.type   'polypeptide(L)'
_entity_poly.pdbx_seq_one_letter_code
;MHHHHHHGKPIPNPLLGLDSTENLYFQGIDPFTMEVVSSNSTCLSSISVGEDFPSEYEQWLPVPDPESRRRAGVLLHPTS
FRGPHGIGDLGEEAFRFIDWLHSTGCSVWQVLPLVPPDEGGSPYAGQDANCGNTLLISLDELVKDGLLIKDELPQPIDAD
SVNYQTANKLKSPLITKAAKRLIDGNGELKSKLLDFRNDPSISCWLEDAAYFAAIDNTLNAYSWFEWPEPLKNRHLSALE
AIYESQKEFIDLFIAKQFLFQRQWQKVREYARRQGVDIMGDMPIYVGYHSADVWANKKHFLLNKKGFPLLVSGVPPDLFS
ETGQLWGSPLYDWKAMESDQYSWWVNRIRRAQDLYDECRIDHFRGFAGFWAVPSEAKVAMVGRWKVGPGKSLFDAISKGV
GKIKIIAEDLGVITKDVVELRKSIGAPGMAVLQFAFGGGADNPHLPHNHEVNQVVYSGTHDNDTIRGWWDTLDQEEKSKA
MKYLSIAGEDDISWSVIQAAFSSTAQTAIIPMQDILGLGSSARMNTPATEVGNWGWRIPSSTSFDNLETESDRLRDLLSL
YGRL
;
_entity_poly.pdbx_strand_id   A,B
#
loop_
_chem_comp.id
_chem_comp.type
_chem_comp.name
_chem_comp.formula
AC1 D-saccharide 4,6-dideoxy-4-{[(1S,4R,5S,6S)-4,5,6-trihydroxy-3-(hydroxymethyl)cyclohex-2-en-1-yl]amino}-alpha-D-glucopyranose 'C13 H23 N O8'
BGC D-saccharide, beta linking beta-D-glucopyranose 'C6 H12 O6'
EDO non-polymer 1,2-ETHANEDIOL 'C2 H6 O2'
GLC D-saccharide, alpha linking alpha-D-glucopyranose 'C6 H12 O6'
#
# COMPACT_ATOMS: atom_id res chain seq x y z
N SER A 48 -23.95 -23.35 5.67
CA SER A 48 -23.89 -24.29 6.85
C SER A 48 -22.65 -25.18 6.82
N VAL A 49 -21.87 -25.16 7.91
CA VAL A 49 -20.54 -25.85 7.99
C VAL A 49 -20.62 -27.33 7.62
N GLY A 50 -19.85 -27.74 6.62
CA GLY A 50 -19.83 -29.13 6.16
C GLY A 50 -20.55 -29.33 4.84
N GLU A 51 -21.60 -28.54 4.60
CA GLU A 51 -22.45 -28.67 3.39
C GLU A 51 -21.72 -28.38 2.09
N ASP A 52 -22.33 -28.78 0.97
CA ASP A 52 -21.84 -28.38 -0.36
C ASP A 52 -22.12 -26.89 -0.57
N PHE A 53 -21.24 -26.23 -1.33
CA PHE A 53 -21.53 -24.90 -1.84
C PHE A 53 -22.37 -25.04 -3.13
N PRO A 54 -23.14 -23.99 -3.54
CA PRO A 54 -23.80 -23.98 -4.86
C PRO A 54 -22.85 -24.17 -6.03
N SER A 55 -23.39 -24.40 -7.22
CA SER A 55 -22.55 -24.74 -8.38
C SER A 55 -21.65 -23.60 -8.82
N GLU A 56 -22.08 -22.37 -8.59
CA GLU A 56 -21.37 -21.25 -9.17
C GLU A 56 -20.19 -20.74 -8.29
N TYR A 57 -19.85 -21.48 -7.23
CA TYR A 57 -18.93 -21.01 -6.15
C TYR A 57 -17.59 -20.49 -6.66
N GLU A 58 -17.01 -21.19 -7.62
CA GLU A 58 -15.72 -20.80 -8.20
C GLU A 58 -15.74 -19.41 -8.88
N GLN A 59 -16.92 -18.95 -9.34
CA GLN A 59 -17.08 -17.62 -9.93
C GLN A 59 -17.59 -16.54 -8.94
N TRP A 60 -17.55 -16.83 -7.64
CA TRP A 60 -17.94 -15.84 -6.64
C TRP A 60 -16.69 -15.01 -6.28
N LEU A 61 -16.26 -14.21 -7.26
CA LEU A 61 -14.99 -13.49 -7.20
C LEU A 61 -15.13 -12.07 -6.65
N PRO A 62 -14.08 -11.57 -5.94
CA PRO A 62 -14.12 -10.20 -5.46
C PRO A 62 -14.23 -9.22 -6.60
N VAL A 63 -15.08 -8.22 -6.41
CA VAL A 63 -15.32 -7.20 -7.41
C VAL A 63 -14.58 -5.98 -6.88
N PRO A 64 -13.67 -5.39 -7.69
CA PRO A 64 -12.99 -4.16 -7.21
C PRO A 64 -13.98 -3.06 -6.85
N ASP A 65 -13.68 -2.36 -5.76
CA ASP A 65 -14.47 -1.24 -5.30
C ASP A 65 -14.24 -0.05 -6.29
N PRO A 66 -15.32 0.48 -6.92
CA PRO A 66 -15.19 1.65 -7.81
C PRO A 66 -14.57 2.91 -7.18
N GLU A 67 -14.71 3.10 -5.86
CA GLU A 67 -14.09 4.24 -5.16
C GLU A 67 -12.57 4.07 -4.94
N SER A 68 -12.03 2.88 -5.20
CA SER A 68 -10.61 2.63 -5.15
C SER A 68 -9.88 2.80 -6.48
N ARG A 69 -10.57 3.28 -7.52
CA ARG A 69 -10.05 3.24 -8.87
C ARG A 69 -8.81 4.12 -9.02
N ARG A 70 -7.73 3.50 -9.51
CA ARG A 70 -6.48 4.21 -9.76
C ARG A 70 -6.62 5.17 -10.93
N ARG A 71 -6.00 6.35 -10.85
CA ARG A 71 -6.13 7.29 -11.92
C ARG A 71 -4.91 8.19 -11.97
N ALA A 72 -4.90 9.04 -12.99
CA ALA A 72 -3.88 10.06 -13.15
C ALA A 72 -4.45 11.36 -13.72
N GLY A 73 -3.65 12.41 -13.62
CA GLY A 73 -4.04 13.71 -14.13
C GLY A 73 -2.91 14.67 -14.40
N VAL A 74 -3.28 15.84 -14.86
CA VAL A 74 -2.35 16.89 -15.23
C VAL A 74 -2.68 18.18 -14.45
N LEU A 75 -1.64 18.83 -13.92
CA LEU A 75 -1.73 20.17 -13.29
C LEU A 75 -1.43 21.24 -14.36
N LEU A 76 -2.40 22.09 -14.66
CA LEU A 76 -2.28 23.12 -15.67
C LEU A 76 -3.29 24.23 -15.39
N HIS A 77 -2.77 25.42 -15.04
CA HIS A 77 -3.65 26.57 -14.71
C HIS A 77 -4.11 27.20 -16.04
N PRO A 78 -5.38 27.63 -16.14
CA PRO A 78 -5.86 28.14 -17.45
C PRO A 78 -5.15 29.40 -17.99
N THR A 79 -4.48 30.14 -17.10
CA THR A 79 -3.68 31.30 -17.54
C THR A 79 -2.56 30.89 -18.47
N SER A 80 -2.06 29.64 -18.32
CA SER A 80 -1.00 29.12 -19.17
C SER A 80 -1.40 28.72 -20.63
N PHE A 81 -2.68 28.72 -20.98
CA PHE A 81 -3.08 28.39 -22.36
C PHE A 81 -2.55 29.45 -23.34
N ARG A 82 -2.23 29.02 -24.56
CA ARG A 82 -1.83 29.95 -25.61
C ARG A 82 -3.05 30.76 -26.09
N GLY A 83 -2.77 31.82 -26.85
CA GLY A 83 -3.80 32.68 -27.43
C GLY A 83 -3.35 34.12 -27.59
N PRO A 84 -4.15 34.94 -28.27
CA PRO A 84 -3.74 36.27 -28.70
C PRO A 84 -3.95 37.44 -27.70
N HIS A 85 -4.57 37.18 -26.54
CA HIS A 85 -4.97 38.27 -25.64
C HIS A 85 -4.14 38.38 -24.35
N GLY A 86 -2.92 37.86 -24.38
CA GLY A 86 -1.94 38.09 -23.33
C GLY A 86 -2.03 37.17 -22.14
N ILE A 87 -3.00 36.24 -22.18
CA ILE A 87 -3.27 35.35 -21.07
C ILE A 87 -4.15 34.23 -21.59
N GLY A 88 -3.98 33.03 -21.03
CA GLY A 88 -4.93 31.94 -21.22
C GLY A 88 -6.36 32.27 -20.80
N ASP A 89 -7.35 31.62 -21.40
CA ASP A 89 -8.76 31.88 -21.05
C ASP A 89 -9.62 30.60 -21.13
N LEU A 90 -10.93 30.73 -20.85
CA LEU A 90 -11.85 29.60 -20.78
C LEU A 90 -12.54 29.29 -22.11
N GLY A 91 -11.90 29.69 -23.20
CA GLY A 91 -12.44 29.49 -24.53
C GLY A 91 -11.90 28.19 -25.13
N GLU A 92 -11.61 28.25 -26.40
CA GLU A 92 -11.29 27.07 -27.19
C GLU A 92 -10.13 26.21 -26.66
N GLU A 93 -9.10 26.83 -26.11
CA GLU A 93 -7.92 26.05 -25.62
C GLU A 93 -8.22 25.14 -24.47
N ALA A 94 -9.13 25.57 -23.61
CA ALA A 94 -9.59 24.75 -22.49
C ALA A 94 -10.31 23.48 -22.97
N PHE A 95 -11.15 23.61 -24.00
CA PHE A 95 -11.83 22.47 -24.59
C PHE A 95 -10.83 21.58 -25.31
N ARG A 96 -9.88 22.18 -26.02
CA ARG A 96 -8.86 21.38 -26.73
C ARG A 96 -7.95 20.66 -25.76
N PHE A 97 -7.66 21.29 -24.63
CA PHE A 97 -6.88 20.65 -23.61
C PHE A 97 -7.63 19.43 -23.00
N ILE A 98 -8.93 19.60 -22.71
CA ILE A 98 -9.80 18.52 -22.22
C ILE A 98 -9.79 17.35 -23.17
N ASP A 99 -9.96 17.61 -24.47
CA ASP A 99 -9.90 16.55 -25.47
C ASP A 99 -8.55 15.84 -25.48
N TRP A 100 -7.46 16.60 -25.49
CA TRP A 100 -6.10 16.04 -25.37
C TRP A 100 -5.92 15.16 -24.10
N LEU A 101 -6.32 15.69 -22.96
CA LEU A 101 -6.23 15.01 -21.67
C LEU A 101 -7.01 13.69 -21.68
N HIS A 102 -8.24 13.74 -22.16
CA HIS A 102 -9.04 12.55 -22.35
C HIS A 102 -8.30 11.47 -23.21
N SER A 103 -7.71 11.88 -24.31
CA SER A 103 -7.00 10.91 -25.19
C SER A 103 -5.81 10.23 -24.51
N THR A 104 -5.24 10.85 -23.47
CA THR A 104 -4.14 10.23 -22.75
C THR A 104 -4.61 9.16 -21.77
N GLY A 105 -5.89 9.13 -21.40
CA GLY A 105 -6.36 8.20 -20.35
C GLY A 105 -6.43 8.86 -18.98
N CYS A 106 -5.81 10.02 -18.82
CA CYS A 106 -5.96 10.78 -17.60
C CYS A 106 -7.42 11.15 -17.36
N SER A 107 -7.81 11.20 -16.10
CA SER A 107 -9.17 11.50 -15.72
C SER A 107 -9.29 12.64 -14.67
N VAL A 108 -8.22 13.40 -14.48
CA VAL A 108 -8.21 14.52 -13.57
C VAL A 108 -7.43 15.69 -14.16
N TRP A 109 -7.96 16.88 -14.01
CA TRP A 109 -7.31 18.13 -14.32
C TRP A 109 -7.28 18.96 -13.04
N GLN A 110 -6.08 19.34 -12.59
CA GLN A 110 -5.88 20.15 -11.41
C GLN A 110 -5.53 21.55 -11.88
N VAL A 111 -6.23 22.54 -11.31
CA VAL A 111 -5.93 23.94 -11.51
C VAL A 111 -5.44 24.55 -10.21
N LEU A 112 -4.87 25.73 -10.29
CA LEU A 112 -4.63 26.56 -9.13
C LEU A 112 -5.93 27.31 -8.76
N PRO A 113 -5.97 28.00 -7.61
CA PRO A 113 -7.16 28.78 -7.30
C PRO A 113 -7.58 29.68 -8.49
N LEU A 114 -8.86 29.73 -8.76
CA LEU A 114 -9.42 30.60 -9.81
C LEU A 114 -9.84 32.02 -9.36
N VAL A 115 -9.50 32.39 -8.14
CA VAL A 115 -9.77 33.73 -7.58
C VAL A 115 -9.08 34.89 -8.33
N PRO A 116 -9.60 36.14 -8.23
CA PRO A 116 -8.82 37.28 -8.75
C PRO A 116 -7.46 37.37 -8.04
N PRO A 117 -6.34 37.31 -8.79
CA PRO A 117 -5.04 37.15 -8.12
C PRO A 117 -4.51 38.49 -7.62
N ASP A 118 -3.42 38.46 -6.85
CA ASP A 118 -2.75 39.71 -6.47
C ASP A 118 -2.07 40.28 -7.71
N GLU A 119 -1.47 41.45 -7.56
CA GLU A 119 -0.91 42.12 -8.72
C GLU A 119 0.38 41.47 -9.26
N GLY A 120 1.07 40.66 -8.44
CA GLY A 120 2.10 39.74 -8.94
C GLY A 120 1.59 38.51 -9.71
N GLY A 121 0.29 38.26 -9.67
CA GLY A 121 -0.32 37.15 -10.36
C GLY A 121 -0.64 35.97 -9.45
N SER A 122 -0.35 36.10 -8.15
CA SER A 122 -0.51 34.97 -7.22
C SER A 122 -1.97 34.61 -6.94
N PRO A 123 -2.38 33.35 -7.25
CA PRO A 123 -3.69 32.88 -6.83
C PRO A 123 -3.87 32.68 -5.34
N TYR A 124 -2.79 32.71 -4.56
CA TYR A 124 -2.83 32.45 -3.12
C TYR A 124 -2.86 33.70 -2.25
N ALA A 125 -2.88 34.88 -2.85
CA ALA A 125 -3.15 36.10 -2.08
C ALA A 125 -4.24 36.86 -2.84
N GLY A 126 -5.37 36.20 -3.02
CA GLY A 126 -6.45 36.70 -3.86
C GLY A 126 -7.12 37.94 -3.27
N GLN A 127 -7.67 38.72 -4.16
CA GLN A 127 -8.46 39.92 -3.82
C GLN A 127 -9.85 39.60 -3.26
N ASP A 128 -10.26 38.34 -3.43
CA ASP A 128 -11.52 37.80 -2.94
C ASP A 128 -11.38 36.28 -2.89
N ALA A 129 -12.06 35.64 -1.97
CA ALA A 129 -11.96 34.19 -1.82
C ALA A 129 -12.90 33.43 -2.75
N ASN A 130 -13.95 34.08 -3.23
CA ASN A 130 -15.01 33.41 -3.97
C ASN A 130 -15.20 33.85 -5.40
N CYS A 131 -14.86 35.10 -5.73
CA CYS A 131 -15.01 35.57 -7.10
C CYS A 131 -14.08 34.80 -8.06
N GLY A 132 -14.46 34.75 -9.32
CA GLY A 132 -13.54 34.29 -10.37
C GLY A 132 -12.63 35.40 -10.90
N ASN A 133 -11.43 35.00 -11.35
CA ASN A 133 -10.51 35.87 -12.11
C ASN A 133 -11.11 36.21 -13.50
N THR A 134 -11.62 37.44 -13.64
CA THR A 134 -12.31 37.85 -14.81
C THR A 134 -11.43 37.95 -16.03
N LEU A 135 -10.12 38.02 -15.86
CA LEU A 135 -9.26 38.01 -17.02
C LEU A 135 -9.16 36.63 -17.67
N LEU A 136 -9.74 35.60 -17.06
CA LEU A 136 -9.90 34.28 -17.70
C LEU A 136 -11.10 34.19 -18.66
N ILE A 137 -11.95 35.22 -18.68
CA ILE A 137 -13.08 35.28 -19.59
C ILE A 137 -12.56 35.35 -21.01
N SER A 138 -13.13 34.51 -21.87
CA SER A 138 -12.80 34.44 -23.30
C SER A 138 -13.63 35.48 -24.06
N LEU A 139 -12.95 36.37 -24.77
CA LEU A 139 -13.61 37.35 -25.62
C LEU A 139 -14.35 36.67 -26.79
N ASP A 140 -13.73 35.66 -27.38
CA ASP A 140 -14.35 34.89 -28.45
C ASP A 140 -15.67 34.25 -28.00
N GLU A 141 -15.72 33.77 -26.75
CA GLU A 141 -16.95 33.22 -26.20
C GLU A 141 -18.03 34.28 -25.97
N LEU A 142 -17.64 35.51 -25.64
CA LEU A 142 -18.57 36.62 -25.56
C LEU A 142 -19.20 36.98 -26.93
N VAL A 143 -18.41 36.84 -28.00
CA VAL A 143 -18.91 37.01 -29.38
C VAL A 143 -19.95 35.93 -29.70
N LYS A 144 -19.71 34.69 -29.27
CA LYS A 144 -20.71 33.64 -29.46
C LYS A 144 -22.01 33.94 -28.75
N ASP A 145 -21.91 34.61 -27.61
CA ASP A 145 -23.06 34.98 -26.82
C ASP A 145 -23.81 36.24 -27.28
N GLY A 146 -23.33 36.90 -28.34
CA GLY A 146 -23.97 38.14 -28.84
C GLY A 146 -23.57 39.43 -28.11
N LEU A 147 -22.62 39.37 -27.16
CA LEU A 147 -22.25 40.52 -26.33
C LEU A 147 -21.08 41.32 -26.86
N LEU A 148 -20.32 40.74 -27.79
CA LEU A 148 -19.35 41.46 -28.60
C LEU A 148 -19.56 41.06 -30.06
N ILE A 149 -19.15 41.92 -31.00
CA ILE A 149 -19.06 41.52 -32.39
C ILE A 149 -17.59 41.30 -32.71
N LYS A 150 -17.34 40.44 -33.71
CA LYS A 150 -15.99 40.05 -34.10
C LYS A 150 -15.08 41.25 -34.33
N ASP A 151 -15.62 42.31 -34.94
CA ASP A 151 -14.88 43.53 -35.30
C ASP A 151 -14.35 44.32 -34.11
N GLU A 152 -14.93 44.12 -32.94
CA GLU A 152 -14.49 44.78 -31.70
C GLU A 152 -13.29 44.13 -31.04
N LEU A 153 -12.95 42.90 -31.43
CA LEU A 153 -11.83 42.19 -30.84
C LEU A 153 -10.49 42.89 -31.10
N PRO A 154 -9.59 42.89 -30.10
CA PRO A 154 -8.33 43.59 -30.30
C PRO A 154 -7.39 42.86 -31.26
N GLN A 155 -6.39 43.59 -31.77
CA GLN A 155 -5.29 42.99 -32.51
C GLN A 155 -4.50 42.04 -31.55
N PRO A 156 -4.11 40.84 -32.04
CA PRO A 156 -3.32 39.92 -31.20
C PRO A 156 -2.03 40.53 -30.68
N ILE A 157 -1.66 40.19 -29.44
CA ILE A 157 -0.37 40.60 -28.88
C ILE A 157 0.39 39.32 -28.62
N ASP A 158 1.71 39.35 -28.84
CA ASP A 158 2.52 38.19 -28.52
C ASP A 158 2.94 38.40 -27.07
N ALA A 159 2.76 37.36 -26.29
CA ALA A 159 3.11 37.37 -24.89
C ALA A 159 3.56 35.94 -24.51
N ASP A 160 4.85 35.67 -24.68
CA ASP A 160 5.47 34.39 -24.28
C ASP A 160 5.09 34.01 -22.84
N SER A 161 4.91 35.01 -21.99
CA SER A 161 4.44 34.81 -20.63
C SER A 161 3.35 35.83 -20.30
N VAL A 162 2.55 35.51 -19.28
CA VAL A 162 1.42 36.36 -18.88
C VAL A 162 1.97 37.60 -18.23
N ASN A 163 1.61 38.77 -18.74
CA ASN A 163 1.76 40.04 -18.01
C ASN A 163 0.37 40.55 -17.71
N TYR A 164 0.03 40.63 -16.42
CA TYR A 164 -1.33 40.93 -15.98
C TYR A 164 -1.81 42.32 -16.30
N GLN A 165 -0.85 43.24 -16.38
CA GLN A 165 -1.11 44.63 -16.63
C GLN A 165 -1.42 44.75 -18.14
N THR A 166 -0.59 44.13 -18.99
CA THR A 166 -0.85 44.05 -20.43
C THR A 166 -2.20 43.37 -20.75
N ALA A 167 -2.48 42.24 -20.10
CA ALA A 167 -3.76 41.52 -20.32
C ALA A 167 -4.98 42.33 -19.84
N ASN A 168 -4.82 42.99 -18.70
CA ASN A 168 -5.87 43.86 -18.19
C ASN A 168 -6.19 45.00 -19.15
N LYS A 169 -5.17 45.72 -19.59
CA LYS A 169 -5.38 46.88 -20.49
C LYS A 169 -6.05 46.43 -21.79
N LEU A 170 -5.64 45.28 -22.31
CA LEU A 170 -6.26 44.73 -23.52
C LEU A 170 -7.72 44.27 -23.32
N LYS A 171 -7.96 43.44 -22.30
CA LYS A 171 -9.22 42.69 -22.21
C LYS A 171 -10.33 43.39 -21.46
N SER A 172 -9.98 44.15 -20.43
CA SER A 172 -10.98 44.69 -19.52
C SER A 172 -11.98 45.65 -20.15
N PRO A 173 -11.55 46.55 -21.03
CA PRO A 173 -12.58 47.40 -21.68
C PRO A 173 -13.62 46.60 -22.44
N LEU A 174 -13.22 45.52 -23.11
CA LEU A 174 -14.17 44.71 -23.87
C LEU A 174 -15.05 43.84 -22.98
N ILE A 175 -14.50 43.35 -21.88
CA ILE A 175 -15.28 42.61 -20.89
C ILE A 175 -16.36 43.52 -20.29
N THR A 176 -15.99 44.76 -20.01
CA THR A 176 -16.92 45.74 -19.50
C THR A 176 -18.02 46.02 -20.51
N LYS A 177 -17.63 46.25 -21.76
CA LYS A 177 -18.58 46.55 -22.84
C LYS A 177 -19.58 45.37 -23.01
N ALA A 178 -19.08 44.15 -22.91
CA ALA A 178 -19.93 42.95 -22.97
C ALA A 178 -20.89 42.89 -21.79
N ALA A 179 -20.39 43.17 -20.59
CA ALA A 179 -21.22 43.20 -19.38
C ALA A 179 -22.30 44.28 -19.48
N LYS A 180 -21.92 45.43 -20.01
CA LYS A 180 -22.87 46.53 -20.26
C LYS A 180 -24.01 46.09 -21.20
N ARG A 181 -23.67 45.44 -22.32
CA ARG A 181 -24.71 44.92 -23.25
C ARG A 181 -25.59 43.87 -22.60
N LEU A 182 -25.02 43.04 -21.73
CA LEU A 182 -25.79 42.07 -20.96
C LEU A 182 -26.83 42.74 -20.06
N ILE A 183 -26.39 43.69 -19.23
CA ILE A 183 -27.32 44.30 -18.27
C ILE A 183 -28.35 45.17 -18.98
N ASP A 184 -27.98 45.79 -20.11
CA ASP A 184 -28.92 46.58 -20.93
C ASP A 184 -29.94 45.73 -21.71
N GLY A 185 -29.64 44.45 -21.98
CA GLY A 185 -30.55 43.62 -22.74
C GLY A 185 -31.73 43.11 -21.94
N ASN A 186 -32.76 42.70 -22.66
CA ASN A 186 -33.81 41.84 -22.15
C ASN A 186 -33.47 40.49 -22.74
N GLY A 187 -34.18 39.46 -22.33
CA GLY A 187 -34.12 38.18 -23.00
C GLY A 187 -33.46 37.11 -22.16
N GLU A 188 -33.00 36.07 -22.83
CA GLU A 188 -32.71 34.79 -22.18
C GLU A 188 -31.44 34.81 -21.32
N LEU A 189 -30.43 35.50 -21.81
CA LEU A 189 -29.17 35.63 -21.10
C LEU A 189 -29.31 36.57 -19.88
N LYS A 190 -30.08 37.65 -20.05
CA LYS A 190 -30.39 38.56 -18.95
C LYS A 190 -31.13 37.78 -17.86
N SER A 191 -32.06 36.94 -18.27
CA SER A 191 -32.83 36.12 -17.34
C SER A 191 -31.95 35.18 -16.49
N LYS A 192 -30.92 34.61 -17.12
CA LYS A 192 -29.95 33.79 -16.41
C LYS A 192 -29.08 34.63 -15.44
N LEU A 193 -28.71 35.86 -15.82
CA LEU A 193 -28.02 36.79 -14.92
C LEU A 193 -28.80 37.00 -13.64
N LEU A 194 -30.09 37.25 -13.78
CA LEU A 194 -30.98 37.47 -12.64
C LEU A 194 -31.12 36.24 -11.74
N ASP A 195 -31.21 35.05 -12.33
CA ASP A 195 -31.27 33.80 -11.56
C ASP A 195 -29.98 33.62 -10.76
N PHE A 196 -28.85 33.82 -11.43
CA PHE A 196 -27.54 33.77 -10.80
C PHE A 196 -27.44 34.71 -9.61
N ARG A 197 -27.85 35.96 -9.80
CA ARG A 197 -27.68 36.94 -8.73
C ARG A 197 -28.68 36.82 -7.58
N ASN A 198 -29.88 36.31 -7.86
CA ASN A 198 -30.87 36.03 -6.81
C ASN A 198 -30.76 34.67 -6.13
N ASP A 199 -29.89 33.81 -6.63
CA ASP A 199 -29.60 32.53 -6.02
C ASP A 199 -28.88 32.79 -4.68
N PRO A 200 -29.45 32.33 -3.56
CA PRO A 200 -28.88 32.67 -2.24
C PRO A 200 -27.47 32.15 -1.97
N SER A 201 -27.06 31.06 -2.63
CA SER A 201 -25.72 30.54 -2.47
C SER A 201 -24.71 31.32 -3.34
N ILE A 202 -25.19 32.25 -4.15
CA ILE A 202 -24.34 33.24 -4.83
C ILE A 202 -24.33 34.54 -3.99
N SER A 203 -25.50 35.05 -3.65
CA SER A 203 -25.58 36.35 -3.07
C SER A 203 -24.95 36.45 -1.68
N CYS A 204 -24.78 35.33 -0.97
CA CYS A 204 -24.18 35.34 0.37
C CYS A 204 -22.71 35.76 0.38
N TRP A 205 -22.05 35.68 -0.78
CA TRP A 205 -20.71 36.25 -0.97
C TRP A 205 -20.63 37.35 -2.06
N LEU A 206 -21.44 37.28 -3.11
CA LEU A 206 -21.26 38.18 -4.25
C LEU A 206 -21.68 39.62 -3.96
N GLU A 207 -22.72 39.81 -3.17
CA GLU A 207 -23.17 41.16 -2.78
C GLU A 207 -22.03 41.90 -2.07
N ASP A 208 -21.48 41.27 -1.03
CA ASP A 208 -20.34 41.83 -0.29
C ASP A 208 -19.16 42.09 -1.21
N ALA A 209 -18.88 41.16 -2.14
CA ALA A 209 -17.74 41.36 -3.01
C ALA A 209 -17.93 42.58 -3.95
N ALA A 210 -19.13 42.73 -4.48
CA ALA A 210 -19.43 43.85 -5.36
C ALA A 210 -19.41 45.21 -4.59
N TYR A 211 -19.91 45.25 -3.35
CA TYR A 211 -19.91 46.50 -2.55
C TYR A 211 -18.48 46.89 -2.18
N PHE A 212 -17.69 45.89 -1.75
CA PHE A 212 -16.27 46.13 -1.43
C PHE A 212 -15.55 46.72 -2.64
N ALA A 213 -15.71 46.09 -3.79
CA ALA A 213 -15.07 46.55 -5.02
C ALA A 213 -15.53 47.98 -5.43
N ALA A 214 -16.83 48.24 -5.32
CA ALA A 214 -17.40 49.59 -5.55
C ALA A 214 -16.80 50.64 -4.63
N ILE A 215 -16.68 50.34 -3.34
CA ILE A 215 -16.12 51.30 -2.40
C ILE A 215 -14.64 51.49 -2.75
N ASP A 216 -13.94 50.40 -3.09
CA ASP A 216 -12.53 50.46 -3.46
C ASP A 216 -12.34 51.32 -4.73
N ASN A 217 -13.28 51.20 -5.65
CA ASN A 217 -13.33 52.07 -6.83
C ASN A 217 -13.62 53.56 -6.49
N THR A 218 -14.49 53.82 -5.52
CA THR A 218 -14.86 55.17 -5.08
C THR A 218 -13.69 55.89 -4.39
N LEU A 219 -12.87 55.15 -3.61
CA LEU A 219 -11.92 55.74 -2.66
C LEU A 219 -10.48 55.67 -3.12
N ASN A 220 -9.73 56.74 -2.87
CA ASN A 220 -8.27 56.72 -2.94
C ASN A 220 -7.70 56.35 -1.60
N ALA A 221 -7.47 55.06 -1.37
CA ALA A 221 -6.95 54.61 -0.07
C ALA A 221 -6.14 53.34 -0.23
N TYR A 222 -5.13 53.21 0.65
CA TYR A 222 -4.23 52.05 0.65
C TYR A 222 -5.04 50.77 0.83
N SER A 223 -5.75 50.67 1.96
CA SER A 223 -6.61 49.53 2.25
C SER A 223 -7.87 49.99 2.99
N TRP A 224 -8.76 49.04 3.30
CA TRP A 224 -9.99 49.38 3.97
C TRP A 224 -9.74 49.89 5.38
N PHE A 225 -8.56 49.58 5.95
CA PHE A 225 -8.15 50.15 7.21
C PHE A 225 -8.25 51.71 7.19
N GLU A 226 -7.93 52.34 6.07
CA GLU A 226 -7.93 53.81 5.90
C GLU A 226 -9.29 54.43 5.52
N TRP A 227 -10.29 53.59 5.28
CA TRP A 227 -11.58 54.05 4.82
C TRP A 227 -12.28 54.83 5.91
N PRO A 228 -13.09 55.82 5.52
CA PRO A 228 -13.89 56.52 6.53
C PRO A 228 -14.79 55.55 7.31
N GLU A 229 -15.03 55.87 8.58
CA GLU A 229 -15.69 54.95 9.48
C GLU A 229 -16.98 54.26 8.95
N PRO A 230 -17.94 55.04 8.40
CA PRO A 230 -19.18 54.43 7.94
C PRO A 230 -18.99 53.39 6.80
N LEU A 231 -18.03 53.60 5.91
CA LEU A 231 -17.69 52.64 4.88
C LEU A 231 -16.81 51.50 5.43
N LYS A 232 -15.83 51.86 6.23
CA LYS A 232 -15.00 50.88 6.91
C LYS A 232 -15.82 49.86 7.63
N ASN A 233 -16.79 50.33 8.40
CA ASN A 233 -17.64 49.50 9.26
C ASN A 233 -19.05 49.25 8.76
N ARG A 234 -19.27 49.46 7.46
CA ARG A 234 -20.43 48.94 6.77
C ARG A 234 -21.72 49.41 7.41
N HIS A 235 -21.76 50.69 7.70
CA HIS A 235 -23.00 51.34 8.14
C HIS A 235 -24.01 51.19 7.03
N LEU A 236 -25.21 50.83 7.43
CA LEU A 236 -26.25 50.54 6.46
C LEU A 236 -26.57 51.69 5.49
N SER A 237 -26.72 52.90 6.01
CA SER A 237 -27.06 54.04 5.17
C SER A 237 -25.88 54.41 4.26
N ALA A 238 -24.64 54.10 4.70
CA ALA A 238 -23.45 54.21 3.84
C ALA A 238 -23.50 53.23 2.66
N LEU A 239 -23.91 52.00 2.92
CA LEU A 239 -24.00 50.99 1.85
C LEU A 239 -25.11 51.32 0.88
N GLU A 240 -26.25 51.77 1.38
CA GLU A 240 -27.30 52.30 0.52
C GLU A 240 -26.80 53.46 -0.38
N ALA A 241 -26.05 54.40 0.22
CA ALA A 241 -25.49 55.53 -0.52
C ALA A 241 -24.56 55.04 -1.64
N ILE A 242 -23.72 54.08 -1.32
CA ILE A 242 -22.83 53.45 -2.31
C ILE A 242 -23.62 52.77 -3.42
N TYR A 243 -24.70 52.09 -3.07
CA TYR A 243 -25.55 51.50 -4.10
C TYR A 243 -26.11 52.54 -5.10
N GLU A 244 -26.60 53.66 -4.60
CA GLU A 244 -27.04 54.72 -5.48
C GLU A 244 -25.89 55.34 -6.29
N SER A 245 -24.76 55.67 -5.67
CA SER A 245 -23.69 56.40 -6.37
C SER A 245 -22.81 55.48 -7.23
N GLN A 246 -22.82 54.17 -6.95
CA GLN A 246 -22.06 53.18 -7.75
C GLN A 246 -22.91 52.07 -8.36
N LYS A 247 -24.18 52.36 -8.64
CA LYS A 247 -25.10 51.32 -9.12
C LYS A 247 -24.60 50.60 -10.37
N GLU A 248 -24.07 51.38 -11.32
CA GLU A 248 -23.65 50.81 -12.58
C GLU A 248 -22.43 49.91 -12.37
N PHE A 249 -21.45 50.37 -11.60
CA PHE A 249 -20.24 49.59 -11.30
C PHE A 249 -20.61 48.25 -10.67
N ILE A 250 -21.53 48.30 -9.73
CA ILE A 250 -21.99 47.13 -9.00
C ILE A 250 -22.67 46.17 -9.93
N ASP A 251 -23.59 46.67 -10.75
CA ASP A 251 -24.26 45.79 -11.73
C ASP A 251 -23.27 45.18 -12.73
N LEU A 252 -22.26 45.94 -13.13
CA LEU A 252 -21.25 45.45 -14.07
C LEU A 252 -20.35 44.40 -13.41
N PHE A 253 -19.98 44.63 -12.16
CA PHE A 253 -19.15 43.69 -11.41
C PHE A 253 -19.87 42.36 -11.29
N ILE A 254 -21.15 42.43 -10.96
CA ILE A 254 -21.97 41.24 -10.85
C ILE A 254 -22.11 40.51 -12.20
N ALA A 255 -22.40 41.29 -13.25
CA ALA A 255 -22.47 40.75 -14.60
C ALA A 255 -21.17 40.05 -14.97
N LYS A 256 -20.02 40.62 -14.62
CA LYS A 256 -18.73 39.98 -14.91
C LYS A 256 -18.54 38.66 -14.18
N GLN A 257 -18.95 38.60 -12.92
CA GLN A 257 -18.95 37.31 -12.22
C GLN A 257 -19.87 36.26 -12.85
N PHE A 258 -21.02 36.69 -13.35
CA PHE A 258 -21.92 35.79 -14.10
C PHE A 258 -21.25 35.26 -15.36
N LEU A 259 -20.54 36.12 -16.09
CA LEU A 259 -19.89 35.68 -17.31
C LEU A 259 -18.72 34.70 -17.02
N PHE A 260 -17.98 34.92 -15.93
CA PHE A 260 -16.98 33.95 -15.50
C PHE A 260 -17.65 32.59 -15.18
N GLN A 261 -18.70 32.63 -14.34
CA GLN A 261 -19.45 31.45 -13.92
C GLN A 261 -19.94 30.68 -15.12
N ARG A 262 -20.58 31.40 -16.04
CA ARG A 262 -21.10 30.80 -17.26
C ARG A 262 -20.04 30.04 -18.05
N GLN A 263 -18.91 30.72 -18.30
CA GLN A 263 -17.85 30.11 -19.06
C GLN A 263 -17.14 28.97 -18.30
N TRP A 264 -16.91 29.17 -17.00
CA TRP A 264 -16.32 28.11 -16.21
C TRP A 264 -17.22 26.86 -16.18
N GLN A 265 -18.53 27.03 -16.02
CA GLN A 265 -19.41 25.89 -15.94
C GLN A 265 -19.52 25.12 -17.24
N LYS A 266 -19.40 25.81 -18.38
CA LYS A 266 -19.34 25.12 -19.67
C LYS A 266 -18.08 24.24 -19.78
N VAL A 267 -16.95 24.80 -19.37
CA VAL A 267 -15.67 24.04 -19.30
C VAL A 267 -15.86 22.82 -18.39
N ARG A 268 -16.46 23.01 -17.23
CA ARG A 268 -16.62 21.92 -16.29
C ARG A 268 -17.55 20.80 -16.79
N GLU A 269 -18.66 21.16 -17.44
CA GLU A 269 -19.59 20.21 -18.00
C GLU A 269 -18.98 19.46 -19.20
N TYR A 270 -18.18 20.17 -19.98
CA TYR A 270 -17.44 19.52 -21.05
C TYR A 270 -16.41 18.51 -20.53
N ALA A 271 -15.68 18.88 -19.49
CA ALA A 271 -14.75 17.97 -18.83
C ALA A 271 -15.53 16.72 -18.35
N ARG A 272 -16.68 16.95 -17.72
CA ARG A 272 -17.47 15.85 -17.22
C ARG A 272 -17.92 14.94 -18.35
N ARG A 273 -18.37 15.51 -19.47
CA ARG A 273 -18.76 14.69 -20.62
C ARG A 273 -17.60 13.86 -21.17
N GLN A 274 -16.37 14.36 -21.08
CA GLN A 274 -15.18 13.64 -21.46
C GLN A 274 -14.52 12.80 -20.32
N GLY A 275 -15.18 12.59 -19.19
CA GLY A 275 -14.62 11.71 -18.13
C GLY A 275 -13.49 12.34 -17.32
N VAL A 276 -13.52 13.66 -17.16
CA VAL A 276 -12.44 14.36 -16.54
C VAL A 276 -13.01 15.11 -15.35
N ASP A 277 -12.47 14.84 -14.17
CA ASP A 277 -12.81 15.54 -12.94
C ASP A 277 -11.89 16.72 -12.85
N ILE A 278 -12.37 17.80 -12.28
CA ILE A 278 -11.56 18.95 -12.04
C ILE A 278 -11.27 19.09 -10.52
N MET A 279 -9.98 19.24 -10.19
CA MET A 279 -9.52 19.44 -8.82
C MET A 279 -9.04 20.88 -8.70
N GLY A 280 -9.71 21.66 -7.87
CA GLY A 280 -9.32 23.04 -7.56
C GLY A 280 -8.35 23.08 -6.40
N ASP A 281 -8.09 24.28 -5.92
CA ASP A 281 -7.16 24.50 -4.85
C ASP A 281 -7.66 25.72 -4.06
N MET A 282 -7.42 25.73 -2.75
CA MET A 282 -7.65 26.97 -1.97
C MET A 282 -6.61 27.22 -0.93
N PRO A 283 -6.13 28.48 -0.86
CA PRO A 283 -5.23 28.79 0.25
C PRO A 283 -6.02 28.72 1.55
N ILE A 284 -5.40 28.30 2.61
CA ILE A 284 -6.06 28.35 3.89
C ILE A 284 -6.43 29.80 4.25
N TYR A 285 -5.63 30.78 3.83
CA TYR A 285 -5.83 32.19 4.17
C TYR A 285 -6.23 33.04 2.97
N VAL A 286 -6.85 34.18 3.27
CA VAL A 286 -7.18 35.21 2.29
C VAL A 286 -6.48 36.51 2.71
N GLY A 287 -6.25 37.40 1.75
CA GLY A 287 -5.62 38.68 2.04
C GLY A 287 -6.48 39.63 2.88
N TYR A 288 -5.82 40.52 3.60
CA TYR A 288 -6.47 41.53 4.41
C TYR A 288 -7.45 42.42 3.60
N HIS A 289 -6.99 42.94 2.47
CA HIS A 289 -7.80 43.82 1.63
C HIS A 289 -8.74 43.02 0.76
N SER A 290 -9.80 42.54 1.37
CA SER A 290 -10.78 41.71 0.69
C SER A 290 -12.12 41.88 1.35
N ALA A 291 -13.17 41.62 0.56
CA ALA A 291 -14.53 41.61 1.09
C ALA A 291 -14.68 40.58 2.18
N ASP A 292 -13.93 39.47 2.07
CA ASP A 292 -14.04 38.41 3.07
C ASP A 292 -13.66 38.89 4.44
N VAL A 293 -12.61 39.68 4.55
CA VAL A 293 -12.24 40.17 5.89
C VAL A 293 -13.14 41.35 6.32
N TRP A 294 -13.31 42.31 5.45
CA TRP A 294 -14.07 43.53 5.71
C TRP A 294 -15.52 43.26 6.09
N ALA A 295 -16.18 42.35 5.38
CA ALA A 295 -17.54 41.98 5.70
C ALA A 295 -17.71 40.97 6.83
N ASN A 296 -16.62 40.40 7.36
CA ASN A 296 -16.70 39.39 8.38
C ASN A 296 -15.63 39.62 9.45
N LYS A 297 -15.52 40.88 9.89
CA LYS A 297 -14.49 41.32 10.82
C LYS A 297 -14.41 40.50 12.11
N LYS A 298 -15.58 40.24 12.69
CA LYS A 298 -15.72 39.47 13.93
C LYS A 298 -15.07 38.09 13.84
N HIS A 299 -15.02 37.52 12.63
CA HIS A 299 -14.43 36.22 12.43
C HIS A 299 -12.89 36.23 12.19
N PHE A 300 -12.19 37.35 12.27
CA PHE A 300 -10.74 37.37 12.11
C PHE A 300 -10.10 37.99 13.35
N LEU A 301 -8.80 37.81 13.52
CA LEU A 301 -8.08 38.29 14.70
C LEU A 301 -7.62 39.72 14.47
N LEU A 302 -8.57 40.64 14.61
CA LEU A 302 -8.36 42.08 14.43
C LEU A 302 -8.59 42.84 15.75
N ASN A 303 -7.91 43.97 15.92
CA ASN A 303 -8.15 44.83 17.09
C ASN A 303 -9.45 45.63 16.90
N LYS A 304 -9.74 46.55 17.83
CA LYS A 304 -10.95 47.40 17.77
C LYS A 304 -11.03 48.25 16.51
N LYS A 305 -9.88 48.69 15.99
CA LYS A 305 -9.81 49.51 14.77
C LYS A 305 -9.77 48.68 13.45
N GLY A 306 -9.90 47.35 13.53
CA GLY A 306 -9.82 46.47 12.36
C GLY A 306 -8.44 46.10 11.83
N PHE A 307 -7.39 46.35 12.61
CA PHE A 307 -6.02 46.01 12.20
C PHE A 307 -5.67 44.62 12.75
N PRO A 308 -4.91 43.83 11.98
CA PRO A 308 -4.65 42.47 12.50
C PRO A 308 -4.07 42.27 13.94
N LEU A 309 -2.79 42.47 14.17
CA LEU A 309 -2.19 42.08 15.47
C LEU A 309 -1.38 40.81 15.27
N LEU A 310 -2.07 39.74 14.83
CA LEU A 310 -1.43 38.45 14.48
C LEU A 310 -1.57 38.17 12.97
N VAL A 311 -0.46 37.79 12.33
CA VAL A 311 -0.43 37.44 10.94
C VAL A 311 0.12 36.02 10.75
N SER A 312 0.04 35.51 9.52
CA SER A 312 0.33 34.11 9.25
C SER A 312 1.74 33.88 8.73
N GLY A 313 2.19 32.64 8.88
CA GLY A 313 3.40 32.11 8.22
C GLY A 313 3.85 30.81 8.86
N VAL A 314 5.03 30.36 8.47
CA VAL A 314 5.62 29.16 9.07
C VAL A 314 7.14 29.33 9.10
N PRO A 315 7.81 28.77 10.13
CA PRO A 315 9.30 28.96 10.34
C PRO A 315 10.34 28.56 9.21
N PRO A 316 11.67 28.80 9.45
CA PRO A 316 12.75 28.40 8.51
C PRO A 316 12.58 27.01 7.86
N ASP A 317 12.68 26.96 6.54
CA ASP A 317 12.29 25.78 5.76
C ASP A 317 13.25 25.58 4.57
N LEU A 318 12.88 24.70 3.63
CA LEU A 318 13.64 24.49 2.38
C LEU A 318 13.84 25.77 1.54
N PHE A 319 12.77 26.54 1.35
CA PHE A 319 12.77 27.71 0.44
C PHE A 319 13.32 29.03 1.02
N SER A 320 13.45 29.12 2.34
CA SER A 320 13.95 30.34 2.99
C SER A 320 14.50 30.06 4.41
N GLU A 321 15.74 30.48 4.66
CA GLU A 321 16.37 30.28 5.98
C GLU A 321 15.84 31.26 7.06
N THR A 322 15.01 32.23 6.67
CA THR A 322 14.24 33.06 7.60
C THR A 322 12.73 32.72 7.64
N GLY A 323 12.31 31.65 6.94
CA GLY A 323 10.89 31.27 6.84
C GLY A 323 10.12 32.01 5.75
N GLN A 324 8.88 31.58 5.52
CA GLN A 324 7.99 32.28 4.61
C GLN A 324 7.03 33.13 5.48
N LEU A 325 7.17 34.46 5.43
CA LEU A 325 6.29 35.38 6.17
C LEU A 325 5.14 35.81 5.26
N TRP A 326 4.08 34.99 5.24
CA TRP A 326 2.95 35.21 4.34
C TRP A 326 2.28 36.54 4.70
N GLY A 327 2.04 36.77 5.98
CA GLY A 327 1.48 38.03 6.47
C GLY A 327 -0.03 38.24 6.32
N SER A 328 -0.79 37.16 6.05
CA SER A 328 -2.26 37.21 5.97
C SER A 328 -2.86 37.37 7.35
N PRO A 329 -4.08 37.90 7.45
CA PRO A 329 -4.77 37.84 8.73
C PRO A 329 -5.16 36.40 9.12
N LEU A 330 -5.44 36.19 10.40
CA LEU A 330 -5.73 34.88 10.91
C LEU A 330 -7.16 34.82 11.36
N TYR A 331 -7.67 33.59 11.39
CA TYR A 331 -9.04 33.33 11.78
C TYR A 331 -9.18 33.35 13.29
N ASP A 332 -10.26 33.97 13.76
CA ASP A 332 -10.72 33.87 15.13
C ASP A 332 -11.61 32.63 15.16
N TRP A 333 -10.96 31.49 15.41
CA TRP A 333 -11.63 30.21 15.34
C TRP A 333 -12.76 30.01 16.35
N LYS A 334 -12.58 30.54 17.56
CA LYS A 334 -13.60 30.41 18.60
C LYS A 334 -14.86 31.17 18.21
N ALA A 335 -14.69 32.40 17.68
CA ALA A 335 -15.82 33.18 17.16
C ALA A 335 -16.51 32.47 16.00
N MET A 336 -15.73 31.90 15.09
CA MET A 336 -16.32 31.14 13.98
C MET A 336 -17.12 29.93 14.48
N GLU A 337 -16.61 29.24 15.49
CA GLU A 337 -17.37 28.16 16.12
C GLU A 337 -18.78 28.63 16.57
N SER A 338 -18.91 29.85 17.09
CA SER A 338 -20.20 30.39 17.55
C SER A 338 -21.31 30.51 16.49
N ASP A 339 -20.99 30.57 15.20
CA ASP A 339 -22.03 30.41 14.17
C ASP A 339 -21.76 29.23 13.20
N GLN A 340 -21.32 28.11 13.81
CA GLN A 340 -21.06 26.83 13.15
C GLN A 340 -20.19 26.96 11.86
N TYR A 341 -19.15 27.79 11.96
CA TYR A 341 -18.20 28.03 10.88
C TYR A 341 -18.84 28.40 9.52
N SER A 342 -19.86 29.26 9.52
CA SER A 342 -20.65 29.51 8.30
C SER A 342 -19.84 30.09 7.15
N TRP A 343 -18.83 30.93 7.47
CA TRP A 343 -17.96 31.54 6.45
C TRP A 343 -17.18 30.43 5.73
N TRP A 344 -16.55 29.55 6.50
CA TRP A 344 -15.87 28.39 5.92
C TRP A 344 -16.81 27.45 5.21
N VAL A 345 -18.02 27.26 5.74
CA VAL A 345 -18.99 26.41 5.09
C VAL A 345 -19.38 26.98 3.74
N ASN A 346 -19.66 28.27 3.68
CA ASN A 346 -19.98 28.97 2.40
C ASN A 346 -18.84 28.82 1.35
N ARG A 347 -17.61 28.90 1.84
CA ARG A 347 -16.42 28.74 1.00
C ARG A 347 -16.35 27.39 0.35
N ILE A 348 -16.61 26.35 1.13
CA ILE A 348 -16.60 25.00 0.59
C ILE A 348 -17.75 24.81 -0.40
N ARG A 349 -18.91 25.39 -0.08
CA ARG A 349 -20.05 25.28 -0.95
C ARG A 349 -19.71 25.90 -2.30
N ARG A 350 -19.03 27.04 -2.26
CA ARG A 350 -18.55 27.65 -3.48
C ARG A 350 -17.52 26.77 -4.23
N ALA A 351 -16.55 26.20 -3.53
CA ALA A 351 -15.60 25.28 -4.16
C ALA A 351 -16.30 24.08 -4.80
N GLN A 352 -17.33 23.56 -4.14
CA GLN A 352 -18.19 22.50 -4.73
C GLN A 352 -18.80 22.89 -6.07
N ASP A 353 -19.14 24.14 -6.17
CA ASP A 353 -19.81 24.68 -7.33
C ASP A 353 -18.82 24.76 -8.48
N LEU A 354 -17.55 25.01 -8.18
CA LEU A 354 -16.52 25.13 -9.19
C LEU A 354 -15.76 23.83 -9.53
N TYR A 355 -15.61 22.93 -8.54
CA TYR A 355 -14.69 21.79 -8.66
C TYR A 355 -15.32 20.48 -8.21
N ASP A 356 -14.86 19.37 -8.77
CA ASP A 356 -15.29 18.06 -8.28
C ASP A 356 -14.60 17.76 -6.94
N GLU A 357 -13.39 18.29 -6.75
CA GLU A 357 -12.51 17.95 -5.63
C GLU A 357 -11.67 19.18 -5.40
N CYS A 358 -11.11 19.30 -4.21
CA CYS A 358 -10.36 20.51 -3.86
C CYS A 358 -9.19 20.28 -2.92
N ARG A 359 -8.04 20.79 -3.29
CA ARG A 359 -6.87 20.71 -2.44
C ARG A 359 -6.97 21.82 -1.42
N ILE A 360 -6.57 21.52 -0.19
CA ILE A 360 -6.52 22.55 0.84
C ILE A 360 -5.07 22.88 1.16
N ASP A 361 -4.61 24.02 0.66
CA ASP A 361 -3.25 24.54 0.90
C ASP A 361 -3.03 24.77 2.40
N HIS A 362 -1.87 24.36 2.91
CA HIS A 362 -1.53 24.47 4.36
C HIS A 362 -2.59 23.89 5.25
N PHE A 363 -2.96 22.66 4.92
CA PHE A 363 -3.93 21.86 5.71
C PHE A 363 -3.50 21.74 7.20
N ARG A 364 -2.19 21.68 7.49
CA ARG A 364 -1.69 21.59 8.89
C ARG A 364 -2.30 22.71 9.76
N GLY A 365 -2.60 23.86 9.14
CA GLY A 365 -3.14 25.01 9.85
C GLY A 365 -4.48 24.82 10.50
N PHE A 366 -5.23 23.78 10.12
CA PHE A 366 -6.46 23.42 10.84
C PHE A 366 -6.23 22.64 12.13
N ALA A 367 -5.04 22.05 12.30
CA ALA A 367 -4.63 21.42 13.58
C ALA A 367 -3.87 22.40 14.47
N GLY A 368 -2.89 23.07 13.89
CA GLY A 368 -2.16 24.10 14.61
C GLY A 368 -1.60 25.12 13.63
N PHE A 369 -1.61 26.40 14.02
CA PHE A 369 -1.15 27.46 13.11
C PHE A 369 -0.15 28.41 13.79
N TRP A 370 0.83 28.86 13.01
CA TRP A 370 1.86 29.79 13.46
C TRP A 370 1.33 31.24 13.34
N ALA A 371 1.44 31.97 14.43
CA ALA A 371 0.97 33.37 14.55
C ALA A 371 2.14 34.31 14.91
N VAL A 372 2.58 35.15 13.96
CA VAL A 372 3.77 36.02 14.12
C VAL A 372 3.39 37.44 14.61
N TRP A 384 2.92 28.83 18.08
CA TRP A 384 1.92 27.87 17.64
C TRP A 384 0.62 28.00 18.43
N LYS A 385 -0.52 28.09 17.71
CA LYS A 385 -1.86 28.10 18.34
C LYS A 385 -2.74 26.93 17.86
N VAL A 386 -3.71 26.57 18.69
CA VAL A 386 -4.58 25.42 18.46
C VAL A 386 -5.63 25.72 17.39
N GLY A 387 -5.68 24.85 16.38
CA GLY A 387 -6.64 24.98 15.30
C GLY A 387 -7.97 24.36 15.68
N PRO A 388 -9.00 24.57 14.84
CA PRO A 388 -10.36 24.07 15.10
C PRO A 388 -10.51 22.56 15.01
N GLY A 389 -9.60 21.89 14.31
CA GLY A 389 -9.64 20.44 14.19
C GLY A 389 -10.91 19.94 13.51
N LYS A 390 -11.33 18.74 13.89
CA LYS A 390 -12.41 18.02 13.21
C LYS A 390 -13.77 18.70 13.31
N SER A 391 -13.97 19.43 14.40
CA SER A 391 -15.16 20.26 14.58
C SER A 391 -15.51 21.04 13.30
N LEU A 392 -14.49 21.61 12.63
CA LEU A 392 -14.70 22.32 11.38
C LEU A 392 -15.25 21.42 10.25
N PHE A 393 -14.65 20.26 10.07
CA PHE A 393 -15.08 19.34 9.02
C PHE A 393 -16.44 18.71 9.31
N ASP A 394 -16.77 18.52 10.58
CA ASP A 394 -18.12 18.10 10.95
C ASP A 394 -19.16 19.13 10.54
N ALA A 395 -18.85 20.38 10.81
CA ALA A 395 -19.72 21.50 10.40
C ALA A 395 -19.86 21.55 8.85
N ILE A 396 -18.76 21.37 8.15
CA ILE A 396 -18.80 21.34 6.68
C ILE A 396 -19.71 20.20 6.21
N SER A 397 -19.47 19.00 6.75
CA SER A 397 -20.29 17.82 6.39
C SER A 397 -21.76 18.08 6.59
N LYS A 398 -22.13 18.52 7.80
CA LYS A 398 -23.53 18.81 8.12
C LYS A 398 -24.13 19.84 7.15
N GLY A 399 -23.36 20.89 6.80
CA GLY A 399 -23.86 21.94 5.93
C GLY A 399 -23.90 21.66 4.43
N VAL A 400 -22.97 20.84 3.93
CA VAL A 400 -22.79 20.66 2.52
C VAL A 400 -22.87 19.18 2.09
N GLY A 401 -22.78 18.25 3.04
CA GLY A 401 -22.69 16.84 2.73
C GLY A 401 -21.30 16.41 2.30
N LYS A 402 -21.26 15.46 1.38
CA LYS A 402 -20.03 14.75 1.07
C LYS A 402 -19.10 15.66 0.29
N ILE A 403 -17.84 15.68 0.70
CA ILE A 403 -16.80 16.46 0.01
C ILE A 403 -15.59 15.59 -0.29
N LYS A 404 -14.86 15.98 -1.33
CA LYS A 404 -13.64 15.34 -1.72
C LYS A 404 -12.53 16.39 -1.59
N ILE A 405 -11.74 16.24 -0.54
CA ILE A 405 -10.72 17.19 -0.16
C ILE A 405 -9.35 16.48 -0.25
N ILE A 406 -8.31 17.23 -0.61
CA ILE A 406 -6.94 16.72 -0.64
C ILE A 406 -6.12 17.61 0.27
N ALA A 407 -5.50 17.04 1.29
CA ALA A 407 -4.68 17.81 2.22
C ALA A 407 -3.26 18.05 1.73
N GLU A 408 -2.88 19.32 1.57
CA GLU A 408 -1.47 19.67 1.42
C GLU A 408 -0.84 19.54 2.79
N ASP A 409 -0.29 18.37 3.05
CA ASP A 409 0.36 18.04 4.30
C ASP A 409 1.88 18.05 4.12
N LEU A 410 2.44 19.03 3.42
CA LEU A 410 3.89 19.13 3.23
C LEU A 410 4.62 19.96 4.31
N GLY A 411 5.83 19.52 4.63
CA GLY A 411 6.73 20.23 5.53
C GLY A 411 7.06 19.35 6.72
N VAL A 412 7.41 20.00 7.83
CA VAL A 412 7.54 19.35 9.14
C VAL A 412 6.13 19.43 9.71
N ILE A 413 5.50 18.27 9.81
CA ILE A 413 4.16 18.15 10.37
C ILE A 413 4.10 17.25 11.64
N THR A 414 3.24 17.68 12.56
CA THR A 414 3.14 17.12 13.90
C THR A 414 2.04 16.04 13.95
N LYS A 415 2.01 15.30 15.06
CA LYS A 415 1.10 14.15 15.24
C LYS A 415 -0.37 14.48 15.02
N ASP A 416 -0.80 15.63 15.56
CA ASP A 416 -2.17 16.10 15.44
C ASP A 416 -2.58 16.32 14.00
N VAL A 417 -1.64 16.72 13.16
CA VAL A 417 -1.90 16.95 11.73
C VAL A 417 -2.23 15.62 11.03
N VAL A 418 -1.42 14.60 11.26
CA VAL A 418 -1.63 13.26 10.71
C VAL A 418 -2.97 12.69 11.20
N GLU A 419 -3.24 12.83 12.50
CA GLU A 419 -4.47 12.32 13.09
C GLU A 419 -5.71 13.04 12.52
N LEU A 420 -5.61 14.35 12.36
CA LEU A 420 -6.72 15.11 11.83
C LEU A 420 -7.04 14.65 10.40
N ARG A 421 -5.99 14.50 9.59
CA ARG A 421 -6.12 14.10 8.19
C ARG A 421 -6.75 12.72 8.09
N LYS A 422 -6.24 11.80 8.88
CA LYS A 422 -6.83 10.45 8.95
C LYS A 422 -8.27 10.44 9.43
N SER A 423 -8.59 11.23 10.46
CA SER A 423 -9.95 11.27 11.00
C SER A 423 -11.01 11.73 10.01
N ILE A 424 -10.64 12.54 9.02
CA ILE A 424 -11.61 12.94 7.97
C ILE A 424 -11.47 12.15 6.68
N GLY A 425 -10.58 11.16 6.68
CA GLY A 425 -10.35 10.35 5.52
C GLY A 425 -9.74 11.02 4.31
N ALA A 426 -9.07 12.14 4.49
CA ALA A 426 -8.51 12.87 3.36
C ALA A 426 -7.15 12.32 2.97
N PRO A 427 -6.90 12.23 1.66
CA PRO A 427 -5.57 11.81 1.23
C PRO A 427 -4.60 12.95 1.41
N GLY A 428 -3.33 12.60 1.61
CA GLY A 428 -2.24 13.56 1.67
C GLY A 428 -1.41 13.51 0.41
N MET A 429 -0.23 14.11 0.48
CA MET A 429 0.64 14.24 -0.71
C MET A 429 1.99 13.55 -0.57
N ALA A 430 2.47 13.03 -1.69
CA ALA A 430 3.86 12.69 -1.87
C ALA A 430 4.38 13.43 -3.11
N VAL A 431 5.59 13.96 -3.03
CA VAL A 431 6.27 14.71 -4.09
C VAL A 431 7.63 14.07 -4.36
N LEU A 432 7.80 13.52 -5.55
CA LEU A 432 9.01 12.77 -5.84
C LEU A 432 10.27 13.59 -5.78
N GLN A 433 10.18 14.87 -6.10
CA GLN A 433 11.35 15.74 -5.97
C GLN A 433 11.96 15.83 -4.59
N PHE A 434 11.20 15.48 -3.55
CA PHE A 434 11.66 15.54 -2.16
C PHE A 434 12.20 14.21 -1.67
N ALA A 435 12.16 13.17 -2.51
CA ALA A 435 12.33 11.79 -2.05
C ALA A 435 13.76 11.35 -1.80
N PHE A 436 14.74 12.15 -2.21
CA PHE A 436 16.13 11.69 -2.25
C PHE A 436 17.06 12.37 -1.25
N GLY A 437 16.51 13.17 -0.34
CA GLY A 437 17.21 13.56 0.88
C GLY A 437 16.96 12.57 2.00
N GLY A 438 17.83 12.58 3.00
CA GLY A 438 17.75 11.63 4.12
C GLY A 438 17.90 10.16 3.69
N GLY A 439 17.29 9.28 4.48
CA GLY A 439 17.41 7.83 4.26
C GLY A 439 16.19 7.23 3.61
N ALA A 440 16.10 5.91 3.73
CA ALA A 440 15.04 5.12 3.12
C ALA A 440 13.67 5.25 3.79
N ASP A 441 13.61 5.94 4.93
CA ASP A 441 12.35 6.27 5.58
C ASP A 441 11.71 7.57 5.04
N ASN A 442 12.37 8.30 4.15
CA ASN A 442 11.75 9.46 3.47
C ASN A 442 10.34 9.09 2.90
N PRO A 443 9.26 9.72 3.41
CA PRO A 443 7.89 9.38 2.98
C PRO A 443 7.56 9.60 1.51
N HIS A 444 8.38 10.36 0.79
CA HIS A 444 8.17 10.64 -0.61
C HIS A 444 8.76 9.54 -1.52
N LEU A 445 9.51 8.62 -0.96
CA LEU A 445 9.96 7.41 -1.71
C LEU A 445 8.77 6.49 -2.00
N PRO A 446 8.66 5.98 -3.23
CA PRO A 446 7.55 5.08 -3.65
C PRO A 446 7.20 3.96 -2.69
N HIS A 447 8.21 3.25 -2.19
CA HIS A 447 7.99 2.17 -1.22
C HIS A 447 7.38 2.61 0.12
N ASN A 448 7.40 3.92 0.40
CA ASN A 448 6.67 4.47 1.54
C ASN A 448 5.37 5.14 1.21
N HIS A 449 4.95 5.15 -0.06
CA HIS A 449 3.63 5.73 -0.42
C HIS A 449 2.46 4.90 0.13
N GLU A 450 1.32 5.58 0.28
CA GLU A 450 0.08 5.02 0.77
C GLU A 450 -0.91 5.03 -0.37
N VAL A 451 -1.93 4.21 -0.24
CA VAL A 451 -2.97 4.16 -1.25
C VAL A 451 -3.78 5.45 -1.26
N ASN A 452 -4.22 5.90 -0.09
CA ASN A 452 -5.06 7.08 -0.03
C ASN A 452 -4.15 8.29 -0.02
N GLN A 453 -3.67 8.65 -1.19
CA GLN A 453 -2.65 9.66 -1.32
C GLN A 453 -2.57 10.11 -2.77
N VAL A 454 -2.06 11.32 -2.97
CA VAL A 454 -1.84 11.88 -4.28
C VAL A 454 -0.35 12.10 -4.48
N VAL A 455 0.21 11.43 -5.51
CA VAL A 455 1.61 11.53 -5.82
C VAL A 455 1.81 12.53 -6.96
N TYR A 456 2.72 13.48 -6.76
CA TYR A 456 3.16 14.47 -7.73
C TYR A 456 4.61 14.19 -8.08
N SER A 457 4.99 14.44 -9.33
CA SER A 457 6.40 14.59 -9.66
C SER A 457 6.92 15.86 -8.95
N GLY A 458 6.14 16.92 -9.06
CA GLY A 458 6.34 18.16 -8.33
C GLY A 458 5.09 19.00 -8.45
N THR A 459 4.97 20.05 -7.64
CA THR A 459 3.88 21.01 -7.74
C THR A 459 4.32 22.31 -8.42
N HIS A 460 3.38 23.27 -8.51
CA HIS A 460 3.66 24.61 -9.00
C HIS A 460 4.76 25.36 -8.19
N ASP A 461 4.97 24.97 -6.94
CA ASP A 461 6.04 25.53 -6.10
C ASP A 461 7.46 24.97 -6.37
N ASN A 462 7.55 23.89 -7.13
CA ASN A 462 8.82 23.19 -7.37
C ASN A 462 9.27 23.57 -8.76
N ASP A 463 10.57 23.44 -9.01
CA ASP A 463 11.09 23.52 -10.35
C ASP A 463 10.48 22.40 -11.21
N THR A 464 10.65 22.47 -12.52
CA THR A 464 10.35 21.33 -13.37
C THR A 464 11.35 20.20 -13.01
N ILE A 465 10.99 18.96 -13.40
CA ILE A 465 11.90 17.82 -13.21
C ILE A 465 13.23 18.07 -13.86
N ARG A 466 13.25 18.54 -15.10
CA ARG A 466 14.55 18.79 -15.75
C ARG A 466 15.32 19.87 -15.02
N GLY A 467 14.63 20.93 -14.61
CA GLY A 467 15.27 22.03 -13.86
C GLY A 467 15.88 21.58 -12.55
N TRP A 468 15.09 20.81 -11.81
CA TRP A 468 15.46 20.16 -10.55
C TRP A 468 16.64 19.21 -10.72
N TRP A 469 16.54 18.33 -11.71
CA TRP A 469 17.64 17.41 -12.03
C TRP A 469 18.94 18.18 -12.29
N ASP A 470 18.82 19.29 -13.02
CA ASP A 470 19.95 20.08 -13.43
C ASP A 470 20.75 20.70 -12.27
N THR A 471 20.09 21.05 -11.18
CA THR A 471 20.78 21.65 -10.03
C THR A 471 20.93 20.69 -8.84
N LEU A 472 20.63 19.42 -9.06
CA LEU A 472 20.49 18.50 -7.96
C LEU A 472 21.84 18.16 -7.36
N ASP A 473 21.89 18.16 -6.02
CA ASP A 473 23.05 17.74 -5.22
C ASP A 473 23.49 16.32 -5.60
N GLN A 474 24.80 16.10 -5.73
CA GLN A 474 25.34 14.83 -6.24
C GLN A 474 24.96 13.60 -5.41
N GLU A 475 25.02 13.73 -4.08
CA GLU A 475 24.55 12.66 -3.15
C GLU A 475 23.11 12.27 -3.50
N GLU A 476 22.21 13.26 -3.54
CA GLU A 476 20.82 13.04 -3.97
C GLU A 476 20.72 12.48 -5.41
N LYS A 477 21.50 13.00 -6.34
CA LYS A 477 21.44 12.51 -7.73
C LYS A 477 21.85 11.05 -7.86
N SER A 478 22.93 10.67 -7.17
CA SER A 478 23.38 9.26 -7.23
C SER A 478 22.31 8.33 -6.64
N LYS A 479 21.68 8.75 -5.52
CA LYS A 479 20.53 8.02 -4.94
C LYS A 479 19.42 7.78 -5.95
N ALA A 480 19.03 8.89 -6.60
CA ALA A 480 17.91 8.90 -7.52
C ALA A 480 18.16 7.96 -8.70
N MET A 481 19.39 7.92 -9.19
CA MET A 481 19.77 6.96 -10.23
C MET A 481 19.56 5.49 -9.86
N LYS A 482 19.78 5.15 -8.59
CA LYS A 482 19.50 3.78 -8.07
C LYS A 482 18.04 3.42 -7.99
N TYR A 483 17.19 4.39 -7.63
CA TYR A 483 15.79 4.15 -7.43
CA TYR A 483 15.76 4.16 -7.43
C TYR A 483 14.99 4.26 -8.73
N LEU A 484 15.34 5.22 -9.56
CA LEU A 484 14.59 5.47 -10.79
C LEU A 484 15.13 4.67 -11.99
N SER A 485 14.27 4.45 -12.95
CA SER A 485 14.60 3.88 -14.24
C SER A 485 14.88 5.02 -15.25
N ILE A 486 16.15 5.33 -15.46
CA ILE A 486 16.52 6.47 -16.31
C ILE A 486 17.15 6.00 -17.62
N ALA A 487 16.61 6.51 -18.74
CA ALA A 487 17.25 6.37 -20.04
C ALA A 487 18.16 7.60 -20.29
N GLY A 488 17.84 8.48 -21.25
CA GLY A 488 18.60 9.71 -21.45
C GLY A 488 18.21 10.78 -20.42
N GLU A 489 19.16 11.65 -20.08
CA GLU A 489 18.87 12.77 -19.18
C GLU A 489 17.86 13.75 -19.77
N ASP A 490 17.80 13.83 -21.10
CA ASP A 490 16.75 14.58 -21.81
C ASP A 490 15.35 14.21 -21.33
N ASP A 491 15.14 12.92 -21.06
CA ASP A 491 13.85 12.38 -20.64
C ASP A 491 13.72 12.08 -19.17
N ILE A 492 14.54 12.72 -18.35
CA ILE A 492 14.42 12.59 -16.91
C ILE A 492 13.01 12.87 -16.39
N SER A 493 12.27 13.77 -17.04
CA SER A 493 10.91 14.03 -16.62
C SER A 493 10.05 12.79 -16.80
N TRP A 494 10.25 12.07 -17.89
CA TRP A 494 9.52 10.79 -18.10
C TRP A 494 9.88 9.68 -17.13
N SER A 495 11.11 9.69 -16.63
CA SER A 495 11.52 8.70 -15.62
C SER A 495 10.78 8.93 -14.33
N VAL A 496 10.67 10.21 -13.96
CA VAL A 496 9.96 10.57 -12.76
C VAL A 496 8.46 10.38 -12.92
N ILE A 497 7.93 10.67 -14.12
CA ILE A 497 6.52 10.41 -14.42
C ILE A 497 6.19 8.91 -14.29
N GLN A 498 7.05 8.07 -14.84
CA GLN A 498 6.86 6.61 -14.70
C GLN A 498 6.87 6.21 -13.22
N ALA A 499 7.80 6.73 -12.43
CA ALA A 499 7.82 6.44 -11.00
C ALA A 499 6.55 6.88 -10.27
N ALA A 500 5.98 8.01 -10.63
CA ALA A 500 4.73 8.43 -10.04
C ALA A 500 3.62 7.49 -10.44
N PHE A 501 3.56 7.08 -11.73
CA PHE A 501 2.51 6.22 -12.18
C PHE A 501 2.58 4.83 -11.56
N SER A 502 3.79 4.33 -11.31
CA SER A 502 4.00 3.00 -10.74
C SER A 502 3.65 2.93 -9.23
N SER A 503 3.42 4.09 -8.60
CA SER A 503 3.13 4.14 -7.21
C SER A 503 1.82 3.41 -6.88
N THR A 504 1.72 2.97 -5.62
CA THR A 504 0.45 2.49 -5.04
C THR A 504 -0.57 3.61 -4.73
N ALA A 505 -0.13 4.87 -4.77
CA ALA A 505 -1.04 5.99 -4.54
C ALA A 505 -2.12 6.02 -5.61
N GLN A 506 -3.33 6.29 -5.16
CA GLN A 506 -4.49 6.14 -5.98
C GLN A 506 -4.50 7.15 -7.11
N THR A 507 -3.92 8.32 -6.90
CA THR A 507 -3.93 9.41 -7.86
C THR A 507 -2.51 9.91 -8.08
N ALA A 508 -2.12 10.07 -9.35
CA ALA A 508 -0.84 10.64 -9.76
C ALA A 508 -1.11 11.88 -10.64
N ILE A 509 -0.48 13.00 -10.30
CA ILE A 509 -0.67 14.28 -11.00
C ILE A 509 0.68 14.80 -11.47
N ILE A 510 0.76 15.15 -12.74
CA ILE A 510 1.98 15.61 -13.36
C ILE A 510 1.74 17.04 -13.90
N PRO A 511 2.61 18.02 -13.55
CA PRO A 511 2.55 19.35 -14.23
C PRO A 511 2.77 19.29 -15.74
N MET A 512 1.98 20.06 -16.50
CA MET A 512 2.12 20.07 -17.93
C MET A 512 3.57 20.33 -18.35
N GLN A 513 4.30 21.15 -17.60
CA GLN A 513 5.68 21.45 -17.96
C GLN A 513 6.54 20.20 -18.10
N ASP A 514 6.28 19.19 -17.27
CA ASP A 514 7.06 17.96 -17.30
C ASP A 514 6.69 17.00 -18.44
N ILE A 515 5.43 16.98 -18.80
CA ILE A 515 4.99 16.30 -20.02
C ILE A 515 5.64 16.92 -21.24
N LEU A 516 5.83 18.24 -21.21
CA LEU A 516 6.52 18.89 -22.32
C LEU A 516 8.04 18.84 -22.20
N GLY A 517 8.59 18.25 -21.14
CA GLY A 517 10.04 18.12 -20.98
C GLY A 517 10.78 19.46 -20.86
N LEU A 518 10.15 20.45 -20.24
CA LEU A 518 10.69 21.82 -20.18
C LEU A 518 11.59 22.05 -18.94
N GLY A 519 12.45 23.07 -19.06
CA GLY A 519 13.46 23.40 -18.06
C GLY A 519 13.00 24.46 -17.09
N SER A 520 13.95 24.96 -16.32
CA SER A 520 13.72 25.92 -15.24
C SER A 520 12.98 27.20 -15.62
N SER A 521 13.08 27.62 -16.87
CA SER A 521 12.38 28.82 -17.32
C SER A 521 10.85 28.63 -17.32
N ALA A 522 10.37 27.37 -17.34
CA ALA A 522 8.95 27.04 -17.26
C ALA A 522 8.42 26.83 -15.84
N ARG A 523 9.27 27.02 -14.82
CA ARG A 523 8.81 26.90 -13.46
C ARG A 523 7.72 27.92 -13.21
N MET A 524 6.64 27.51 -12.57
CA MET A 524 5.49 28.37 -12.32
C MET A 524 5.77 29.39 -11.20
N ASN A 525 6.28 28.90 -10.08
CA ASN A 525 6.52 29.73 -8.91
C ASN A 525 7.76 29.29 -8.12
N THR A 526 8.52 30.29 -7.65
CA THR A 526 9.61 30.12 -6.66
C THR A 526 9.14 30.74 -5.34
N PRO A 527 8.80 29.89 -4.33
CA PRO A 527 8.37 30.37 -3.01
C PRO A 527 9.29 31.39 -2.38
N ALA A 528 8.70 32.33 -1.64
CA ALA A 528 9.42 33.42 -0.99
C ALA A 528 10.06 34.43 -1.95
N THR A 529 9.71 34.41 -3.24
CA THR A 529 10.10 35.49 -4.16
C THR A 529 8.84 36.29 -4.51
N GLU A 530 9.02 37.58 -4.76
CA GLU A 530 7.91 38.52 -4.95
C GLU A 530 7.65 38.92 -6.39
N VAL A 531 8.57 38.59 -7.30
CA VAL A 531 8.53 39.00 -8.69
C VAL A 531 8.83 37.83 -9.60
N GLY A 532 8.24 37.84 -10.78
CA GLY A 532 8.54 36.89 -11.83
C GLY A 532 7.86 35.54 -11.71
N ASN A 533 6.72 35.46 -11.02
CA ASN A 533 6.00 34.18 -10.86
C ASN A 533 4.65 34.14 -11.57
N TRP A 534 4.10 32.93 -11.70
CA TRP A 534 2.75 32.72 -12.20
C TRP A 534 2.52 33.04 -13.71
N GLY A 535 3.61 33.24 -14.45
CA GLY A 535 3.57 33.71 -15.84
C GLY A 535 3.63 32.64 -16.91
N TRP A 536 4.05 31.43 -16.58
CA TRP A 536 4.29 30.43 -17.63
C TRP A 536 3.08 30.21 -18.56
N ARG A 537 3.35 30.18 -19.86
CA ARG A 537 2.38 29.78 -20.85
C ARG A 537 2.94 28.67 -21.74
N ILE A 538 2.07 27.77 -22.16
CA ILE A 538 2.41 26.80 -23.17
C ILE A 538 2.96 27.59 -24.37
N PRO A 539 4.14 27.19 -24.89
CA PRO A 539 4.71 27.91 -26.05
C PRO A 539 3.74 27.97 -27.23
N SER A 540 3.66 29.14 -27.85
CA SER A 540 2.71 29.43 -28.95
C SER A 540 2.73 28.41 -30.10
N SER A 541 3.86 27.73 -30.29
CA SER A 541 4.03 26.69 -31.32
C SER A 541 3.43 25.32 -30.97
N THR A 542 3.32 25.00 -29.67
CA THR A 542 2.86 23.69 -29.21
C THR A 542 1.34 23.67 -29.18
N SER A 543 0.70 22.92 -30.05
CA SER A 543 -0.75 22.84 -29.98
C SER A 543 -1.09 21.49 -29.44
N PHE A 544 -2.31 21.37 -28.92
CA PHE A 544 -2.80 20.09 -28.46
C PHE A 544 -3.00 19.07 -29.57
N ASP A 545 -3.18 19.57 -30.79
CA ASP A 545 -3.07 18.79 -32.01
C ASP A 545 -1.73 18.15 -32.28
N ASN A 546 -0.66 18.63 -31.66
CA ASN A 546 0.70 18.24 -31.99
C ASN A 546 1.38 17.51 -30.85
N LEU A 547 0.61 16.82 -30.01
CA LEU A 547 1.16 16.15 -28.82
C LEU A 547 0.68 14.72 -28.75
N GLU A 548 0.55 14.09 -29.91
CA GLU A 548 0.08 12.69 -29.99
C GLU A 548 1.12 11.69 -29.41
N THR A 549 2.41 11.96 -29.66
CA THR A 549 3.51 11.15 -29.13
C THR A 549 3.48 11.14 -27.62
N GLU A 550 3.32 12.33 -27.06
CA GLU A 550 3.23 12.46 -25.60
C GLU A 550 2.00 11.78 -25.05
N SER A 551 0.87 11.93 -25.74
CA SER A 551 -0.38 11.28 -25.34
C SER A 551 -0.25 9.76 -25.30
N ASP A 552 0.30 9.20 -26.38
CA ASP A 552 0.52 7.75 -26.51
C ASP A 552 1.45 7.21 -25.44
N ARG A 553 2.50 7.95 -25.15
CA ARG A 553 3.43 7.55 -24.13
C ARG A 553 2.81 7.52 -22.74
N LEU A 554 2.01 8.55 -22.39
CA LEU A 554 1.27 8.56 -21.13
C LEU A 554 0.28 7.40 -21.06
N ARG A 555 -0.49 7.20 -22.10
CA ARG A 555 -1.44 6.12 -22.16
C ARG A 555 -0.79 4.72 -21.96
N ASP A 556 0.37 4.49 -22.59
CA ASP A 556 1.13 3.25 -22.41
C ASP A 556 1.52 3.07 -20.92
N LEU A 557 1.97 4.13 -20.26
CA LEU A 557 2.32 4.05 -18.85
C LEU A 557 1.09 3.81 -17.96
N LEU A 558 -0.01 4.50 -18.25
CA LEU A 558 -1.24 4.32 -17.46
C LEU A 558 -1.82 2.91 -17.61
N SER A 559 -1.72 2.37 -18.81
CA SER A 559 -2.12 1.01 -19.07
C SER A 559 -1.30 0.01 -18.22
N LEU A 560 0.02 0.18 -18.28
CA LEU A 560 0.95 -0.64 -17.53
C LEU A 560 0.69 -0.61 -16.03
N TYR A 561 0.41 0.55 -15.47
CA TYR A 561 0.25 0.67 -14.01
C TYR A 561 -1.19 0.75 -13.54
N GLY A 562 -2.10 0.27 -14.40
CA GLY A 562 -3.51 0.09 -14.07
C GLY A 562 -4.25 1.37 -13.71
N ARG A 563 -3.95 2.47 -14.40
CA ARG A 563 -4.54 3.78 -14.11
C ARG A 563 -5.51 4.24 -15.22
N LEU A 564 -5.81 3.37 -16.18
CA LEU A 564 -6.83 3.65 -17.19
C LEU A 564 -8.22 3.22 -16.73
N SER B 48 -7.72 24.14 24.55
CA SER B 48 -8.77 24.15 23.48
C SER B 48 -8.65 25.34 22.45
N VAL B 49 -9.62 25.40 21.53
CA VAL B 49 -9.48 26.05 20.21
C VAL B 49 -9.14 27.56 20.25
N GLY B 50 -7.96 27.92 19.72
CA GLY B 50 -7.49 29.31 19.70
C GLY B 50 -6.33 29.53 20.66
N GLU B 51 -6.35 28.82 21.78
CA GLU B 51 -5.34 28.94 22.87
C GLU B 51 -3.95 28.53 22.40
N ASP B 52 -2.94 28.88 23.19
CA ASP B 52 -1.54 28.57 22.87
C ASP B 52 -1.23 27.06 23.08
N PHE B 53 -0.31 26.53 22.28
CA PHE B 53 0.25 25.18 22.50
C PHE B 53 1.38 25.32 23.52
N PRO B 54 1.78 24.20 24.18
CA PRO B 54 3.10 24.15 24.84
C PRO B 54 4.25 24.47 23.88
N SER B 55 5.44 24.64 24.42
CA SER B 55 6.65 24.94 23.66
C SER B 55 7.20 23.63 23.10
N GLU B 56 8.05 23.73 22.07
CA GLU B 56 8.54 22.53 21.34
C GLU B 56 7.37 21.65 20.82
N TYR B 57 6.18 22.24 20.62
CA TYR B 57 5.14 21.67 19.75
C TYR B 57 5.77 21.18 18.45
N GLU B 58 6.77 21.91 17.95
CA GLU B 58 7.49 21.55 16.73
C GLU B 58 8.20 20.17 16.80
N GLN B 59 8.53 19.69 17.99
CA GLN B 59 9.11 18.34 18.17
C GLN B 59 8.09 17.23 18.49
N TRP B 60 6.80 17.53 18.39
CA TRP B 60 5.77 16.54 18.63
C TRP B 60 5.48 15.79 17.31
N LEU B 61 6.49 15.03 16.85
CA LEU B 61 6.46 14.35 15.55
C LEU B 61 5.93 12.91 15.61
N PRO B 62 5.31 12.42 14.49
CA PRO B 62 4.81 11.03 14.46
C PRO B 62 5.95 10.05 14.56
N VAL B 63 5.74 9.02 15.37
CA VAL B 63 6.75 8.02 15.64
C VAL B 63 6.27 6.77 14.91
N PRO B 64 7.11 6.19 14.03
CA PRO B 64 6.68 4.99 13.33
C PRO B 64 6.35 3.86 14.32
N ASP B 65 5.29 3.11 14.01
CA ASP B 65 4.87 1.98 14.80
C ASP B 65 5.91 0.84 14.58
N PRO B 66 6.55 0.33 15.68
CA PRO B 66 7.50 -0.80 15.55
C PRO B 66 6.92 -2.07 14.93
N GLU B 67 5.62 -2.30 15.06
CA GLU B 67 4.96 -3.44 14.38
C GLU B 67 4.78 -3.27 12.86
N SER B 68 5.01 -2.06 12.34
CA SER B 68 4.96 -1.79 10.91
C SER B 68 6.32 -1.92 10.21
N ARG B 69 7.35 -2.37 10.91
CA ARG B 69 8.73 -2.25 10.42
C ARG B 69 8.93 -3.12 9.18
N ARG B 70 9.45 -2.51 8.11
CA ARG B 70 9.71 -3.25 6.86
C ARG B 70 10.86 -4.22 7.02
N ARG B 71 10.76 -5.38 6.43
CA ARG B 71 11.81 -6.39 6.63
C ARG B 71 11.86 -7.32 5.45
N ALA B 72 12.88 -8.19 5.51
CA ALA B 72 13.04 -9.23 4.52
C ALA B 72 13.58 -10.51 5.12
N GLY B 73 13.46 -11.58 4.36
CA GLY B 73 13.91 -12.88 4.80
C GLY B 73 14.16 -13.86 3.71
N VAL B 74 14.61 -15.05 4.12
CA VAL B 74 14.97 -16.14 3.23
C VAL B 74 14.13 -17.38 3.58
N LEU B 75 13.61 -18.04 2.56
CA LEU B 75 12.96 -19.35 2.65
C LEU B 75 14.04 -20.45 2.41
N LEU B 76 14.28 -21.29 3.42
CA LEU B 76 15.27 -22.37 3.36
C LEU B 76 14.93 -23.44 4.38
N HIS B 77 14.60 -24.65 3.91
CA HIS B 77 14.21 -25.75 4.81
C HIS B 77 15.50 -26.36 5.35
N PRO B 78 15.55 -26.75 6.62
CA PRO B 78 16.83 -27.29 7.16
C PRO B 78 17.38 -28.56 6.52
N THR B 79 16.50 -29.32 5.84
CA THR B 79 16.95 -30.50 5.10
C THR B 79 17.94 -30.14 4.02
N SER B 80 17.83 -28.91 3.48
CA SER B 80 18.70 -28.45 2.41
C SER B 80 20.14 -28.06 2.85
N PHE B 81 20.44 -28.01 4.14
CA PHE B 81 21.83 -27.67 4.55
C PHE B 81 22.79 -28.75 4.06
N ARG B 82 24.01 -28.36 3.73
CA ARG B 82 25.05 -29.34 3.36
C ARG B 82 25.55 -30.03 4.62
N GLY B 83 26.31 -31.10 4.42
CA GLY B 83 26.89 -31.85 5.51
C GLY B 83 27.04 -33.31 5.17
N PRO B 84 27.72 -34.05 6.05
CA PRO B 84 28.15 -35.41 5.73
C PRO B 84 27.14 -36.56 5.96
N HIS B 85 25.96 -36.29 6.51
CA HIS B 85 25.05 -37.37 6.95
C HIS B 85 23.81 -37.55 6.09
N GLY B 86 23.87 -37.10 4.85
CA GLY B 86 22.82 -37.40 3.86
C GLY B 86 21.62 -36.46 3.85
N ILE B 87 21.60 -35.50 4.76
CA ILE B 87 20.48 -34.59 4.96
C ILE B 87 20.97 -33.42 5.81
N GLY B 88 20.40 -32.24 5.58
CA GLY B 88 20.58 -31.11 6.49
C GLY B 88 20.11 -31.38 7.91
N ASP B 89 20.70 -30.71 8.90
CA ASP B 89 20.32 -30.92 10.31
C ASP B 89 20.41 -29.64 11.13
N LEU B 90 20.10 -29.73 12.43
CA LEU B 90 19.95 -28.57 13.29
C LEU B 90 21.24 -28.25 14.01
N GLY B 91 22.36 -28.61 13.40
CA GLY B 91 23.67 -28.40 13.94
C GLY B 91 24.34 -27.15 13.39
N GLU B 92 25.64 -27.28 13.13
CA GLU B 92 26.49 -26.17 12.75
C GLU B 92 26.00 -25.33 11.56
N GLU B 93 25.45 -25.97 10.53
CA GLU B 93 25.05 -25.25 9.32
C GLU B 93 23.87 -24.34 9.56
N ALA B 94 22.96 -24.75 10.44
CA ALA B 94 21.84 -23.89 10.88
C ALA B 94 22.36 -22.61 11.54
N PHE B 95 23.36 -22.74 12.42
CA PHE B 95 23.91 -21.60 13.12
C PHE B 95 24.73 -20.73 12.16
N ARG B 96 25.52 -21.34 11.26
CA ARG B 96 26.23 -20.58 10.23
C ARG B 96 25.26 -19.88 9.28
N PHE B 97 24.14 -20.53 8.95
CA PHE B 97 23.13 -19.91 8.11
C PHE B 97 22.50 -18.66 8.77
N ILE B 98 22.19 -18.80 10.07
CA ILE B 98 21.67 -17.67 10.87
C ILE B 98 22.67 -16.52 10.85
N ASP B 99 23.94 -16.80 11.09
CA ASP B 99 24.98 -15.77 11.06
C ASP B 99 25.04 -15.09 9.69
N TRP B 100 25.05 -15.90 8.63
CA TRP B 100 24.99 -15.37 7.24
C TRP B 100 23.76 -14.46 7.01
N LEU B 101 22.60 -14.97 7.40
CA LEU B 101 21.35 -14.25 7.26
C LEU B 101 21.39 -12.91 7.99
N HIS B 102 21.86 -12.94 9.23
CA HIS B 102 22.02 -11.71 9.99
C HIS B 102 22.92 -10.68 9.25
N SER B 103 24.04 -11.14 8.69
CA SER B 103 24.96 -10.24 7.98
C SER B 103 24.33 -9.59 6.73
N THR B 104 23.29 -10.18 6.16
CA THR B 104 22.59 -9.59 5.03
C THR B 104 21.65 -8.46 5.45
N GLY B 105 21.26 -8.39 6.71
CA GLY B 105 20.22 -7.47 7.14
C GLY B 105 18.82 -8.10 7.19
N CYS B 106 18.66 -9.28 6.63
CA CYS B 106 17.40 -10.02 6.75
C CYS B 106 17.11 -10.31 8.20
N SER B 107 15.83 -10.26 8.56
CA SER B 107 15.42 -10.51 9.92
C SER B 107 14.34 -11.64 10.04
N VAL B 108 14.15 -12.43 8.99
CA VAL B 108 13.18 -13.53 9.00
C VAL B 108 13.76 -14.71 8.25
N TRP B 109 13.56 -15.91 8.81
CA TRP B 109 13.86 -17.17 8.20
C TRP B 109 12.55 -17.94 8.17
N GLN B 110 12.13 -18.36 6.97
CA GLN B 110 10.94 -19.17 6.80
C GLN B 110 11.40 -20.58 6.47
N VAL B 111 10.78 -21.55 7.13
CA VAL B 111 11.01 -22.99 6.89
C VAL B 111 9.69 -23.60 6.42
N LEU B 112 9.77 -24.81 5.92
CA LEU B 112 8.58 -25.63 5.64
C LEU B 112 8.16 -26.35 6.93
N PRO B 113 6.99 -27.04 6.95
CA PRO B 113 6.63 -27.79 8.14
C PRO B 113 7.74 -28.74 8.60
N LEU B 114 7.93 -28.79 9.91
CA LEU B 114 8.99 -29.60 10.54
C LEU B 114 8.53 -30.98 10.96
N VAL B 115 7.31 -31.34 10.56
CA VAL B 115 6.74 -32.67 10.84
C VAL B 115 7.49 -33.86 10.19
N PRO B 116 7.33 -35.11 10.73
CA PRO B 116 7.94 -36.27 10.04
C PRO B 116 7.27 -36.41 8.67
N PRO B 117 8.06 -36.38 7.58
CA PRO B 117 7.43 -36.19 6.27
C PRO B 117 6.94 -37.52 5.76
N ASP B 118 6.19 -37.51 4.65
CA ASP B 118 5.83 -38.80 3.99
C ASP B 118 7.08 -39.42 3.37
N GLU B 119 6.95 -40.61 2.81
CA GLU B 119 8.12 -41.34 2.29
C GLU B 119 8.73 -40.72 1.01
N GLY B 120 7.94 -39.90 0.27
CA GLY B 120 8.48 -38.99 -0.75
C GLY B 120 9.23 -37.74 -0.23
N GLY B 121 9.14 -37.45 1.06
CA GLY B 121 9.83 -36.32 1.65
C GLY B 121 8.91 -35.13 1.90
N SER B 122 7.62 -35.26 1.58
CA SER B 122 6.67 -34.11 1.68
C SER B 122 6.32 -33.71 3.09
N PRO B 123 6.60 -32.45 3.46
CA PRO B 123 6.17 -31.95 4.76
C PRO B 123 4.68 -31.76 4.88
N TYR B 124 3.95 -31.80 3.76
CA TYR B 124 2.52 -31.52 3.73
C TYR B 124 1.62 -32.77 3.70
N ALA B 125 2.21 -33.95 3.81
CA ALA B 125 1.43 -35.16 4.13
C ALA B 125 2.10 -35.92 5.30
N GLY B 126 2.25 -35.23 6.41
CA GLY B 126 3.07 -35.70 7.50
C GLY B 126 2.49 -36.94 8.20
N GLN B 127 3.39 -37.72 8.77
CA GLN B 127 3.06 -38.90 9.58
C GLN B 127 2.54 -38.55 10.94
N ASP B 128 2.69 -37.28 11.33
CA ASP B 128 2.14 -36.71 12.56
C ASP B 128 2.06 -35.17 12.40
N ALA B 129 1.10 -34.53 13.04
CA ALA B 129 0.96 -33.07 12.91
C ALA B 129 1.85 -32.29 13.86
N ASN B 130 2.31 -32.93 14.94
CA ASN B 130 3.03 -32.21 16.00
C ASN B 130 4.42 -32.65 16.23
N CYS B 131 4.75 -33.93 15.92
CA CYS B 131 6.12 -34.41 16.12
C CYS B 131 7.09 -33.69 15.22
N GLY B 132 8.35 -33.64 15.61
CA GLY B 132 9.42 -33.18 14.75
C GLY B 132 10.00 -34.30 13.90
N ASN B 133 10.49 -33.93 12.71
CA ASN B 133 11.27 -34.82 11.85
C ASN B 133 12.63 -35.13 12.53
N THR B 134 12.76 -36.35 13.06
CA THR B 134 13.93 -36.72 13.84
C THR B 134 15.20 -36.84 13.02
N LEU B 135 15.08 -36.98 11.71
CA LEU B 135 16.27 -37.01 10.88
C LEU B 135 16.91 -35.63 10.73
N LEU B 136 16.27 -34.57 11.26
CA LEU B 136 16.91 -33.26 11.41
C LEU B 136 17.84 -33.15 12.60
N ILE B 137 17.82 -34.14 13.50
CA ILE B 137 18.67 -34.13 14.67
C ILE B 137 20.14 -34.21 14.23
N SER B 138 20.98 -33.35 14.83
CA SER B 138 22.40 -33.24 14.55
C SER B 138 23.15 -34.20 15.44
N LEU B 139 23.91 -35.10 14.82
CA LEU B 139 24.72 -36.08 15.56
C LEU B 139 25.85 -35.35 16.33
N ASP B 140 26.43 -34.35 15.68
CA ASP B 140 27.46 -33.51 16.30
C ASP B 140 26.95 -32.78 17.55
N GLU B 141 25.70 -32.31 17.53
CA GLU B 141 25.09 -31.73 18.72
C GLU B 141 24.83 -32.74 19.85
N LEU B 142 24.51 -33.98 19.50
CA LEU B 142 24.39 -35.05 20.49
C LEU B 142 25.73 -35.30 21.21
N VAL B 143 26.85 -35.18 20.47
CA VAL B 143 28.19 -35.31 21.04
C VAL B 143 28.46 -34.19 22.04
N LYS B 144 28.05 -32.97 21.70
CA LYS B 144 28.13 -31.85 22.65
C LYS B 144 27.31 -32.08 23.93
N ASP B 145 26.19 -32.79 23.79
CA ASP B 145 25.35 -33.15 24.94
C ASP B 145 25.79 -34.36 25.75
N GLY B 146 26.87 -35.02 25.37
CA GLY B 146 27.36 -36.22 26.10
C GLY B 146 26.69 -37.54 25.74
N LEU B 147 25.80 -37.54 24.74
CA LEU B 147 25.03 -38.74 24.39
C LEU B 147 25.66 -39.60 23.27
N LEU B 148 26.61 -39.03 22.53
CA LEU B 148 27.48 -39.78 21.62
C LEU B 148 28.91 -39.35 21.90
N ILE B 149 29.87 -40.20 21.57
CA ILE B 149 31.26 -39.77 21.54
C ILE B 149 31.67 -39.61 20.07
N LYS B 150 32.67 -38.75 19.84
CA LYS B 150 33.11 -38.38 18.49
C LYS B 150 33.42 -39.62 17.62
N ASP B 151 34.03 -40.63 18.23
CA ASP B 151 34.42 -41.89 17.56
C ASP B 151 33.27 -42.70 17.01
N GLU B 152 32.06 -42.50 17.52
CA GLU B 152 30.87 -43.20 17.06
C GLU B 152 30.26 -42.63 15.79
N LEU B 153 30.65 -41.42 15.40
CA LEU B 153 30.07 -40.77 14.22
C LEU B 153 30.41 -41.50 12.91
N PRO B 154 29.45 -41.57 11.98
CA PRO B 154 29.68 -42.38 10.79
C PRO B 154 30.66 -41.71 9.84
N GLN B 155 31.22 -42.48 8.91
CA GLN B 155 31.98 -41.91 7.81
C GLN B 155 31.03 -41.07 6.91
N PRO B 156 31.51 -39.91 6.45
CA PRO B 156 30.68 -39.05 5.57
C PRO B 156 30.19 -39.74 4.28
N ILE B 157 28.98 -39.43 3.86
CA ILE B 157 28.45 -39.92 2.59
C ILE B 157 28.18 -38.72 1.73
N ASP B 158 28.39 -38.85 0.42
CA ASP B 158 28.06 -37.80 -0.51
C ASP B 158 26.61 -37.99 -0.85
N ALA B 159 25.85 -36.92 -0.74
CA ALA B 159 24.45 -36.93 -1.15
C ALA B 159 24.09 -35.54 -1.70
N ASP B 160 24.28 -35.32 -2.99
CA ASP B 160 23.93 -34.06 -3.68
C ASP B 160 22.49 -33.66 -3.36
N SER B 161 21.62 -34.64 -3.17
CA SER B 161 20.25 -34.41 -2.75
C SER B 161 19.87 -35.36 -1.63
N VAL B 162 18.83 -35.01 -0.89
CA VAL B 162 18.41 -35.77 0.26
C VAL B 162 17.75 -37.05 -0.24
N ASN B 163 18.26 -38.21 0.20
CA ASN B 163 17.56 -39.51 0.08
C ASN B 163 17.24 -39.95 1.48
N TYR B 164 15.95 -40.01 1.78
CA TYR B 164 15.45 -40.24 3.13
C TYR B 164 15.78 -41.63 3.67
N GLN B 165 15.90 -42.58 2.76
CA GLN B 165 16.16 -43.96 3.08
C GLN B 165 17.68 -44.07 3.42
N THR B 166 18.54 -43.50 2.60
CA THR B 166 19.98 -43.39 2.92
C THR B 166 20.25 -42.64 4.25
N ALA B 167 19.58 -41.51 4.47
CA ALA B 167 19.78 -40.73 5.71
C ALA B 167 19.29 -41.49 6.94
N ASN B 168 18.16 -42.18 6.77
CA ASN B 168 17.62 -43.00 7.84
C ASN B 168 18.57 -44.13 8.24
N LYS B 169 19.07 -44.87 7.26
CA LYS B 169 19.98 -45.96 7.58
C LYS B 169 21.23 -45.46 8.28
N LEU B 170 21.76 -44.34 7.83
CA LEU B 170 22.96 -43.77 8.46
C LEU B 170 22.71 -43.27 9.89
N LYS B 171 21.69 -42.45 10.04
CA LYS B 171 21.53 -41.64 11.27
C LYS B 171 20.76 -42.32 12.38
N SER B 172 19.76 -43.12 12.01
CA SER B 172 18.82 -43.64 12.97
C SER B 172 19.43 -44.54 14.05
N PRO B 173 20.39 -45.42 13.70
CA PRO B 173 21.00 -46.18 14.78
C PRO B 173 21.72 -45.32 15.82
N LEU B 174 22.36 -44.24 15.41
CA LEU B 174 23.05 -43.37 16.36
C LEU B 174 22.11 -42.46 17.16
N ILE B 175 21.02 -42.03 16.53
CA ILE B 175 19.97 -41.30 17.24
C ILE B 175 19.36 -42.17 18.34
N THR B 176 19.13 -43.45 18.01
CA THR B 176 18.57 -44.40 18.96
C THR B 176 19.53 -44.63 20.09
N LYS B 177 20.81 -44.81 19.78
CA LYS B 177 21.87 -45.04 20.79
C LYS B 177 21.97 -43.83 21.75
N ALA B 178 21.87 -42.62 21.19
CA ALA B 178 21.85 -41.41 22.00
C ALA B 178 20.61 -41.33 22.89
N ALA B 179 19.44 -41.64 22.33
CA ALA B 179 18.19 -41.71 23.13
C ALA B 179 18.24 -42.78 24.24
N LYS B 180 18.84 -43.92 23.93
CA LYS B 180 19.07 -44.98 24.94
C LYS B 180 19.96 -44.49 26.12
N ARG B 181 21.08 -43.85 25.83
CA ARG B 181 21.93 -43.22 26.87
C ARG B 181 21.19 -42.16 27.70
N LEU B 182 20.35 -41.36 27.05
CA LEU B 182 19.52 -40.39 27.75
C LEU B 182 18.57 -41.05 28.75
N ILE B 183 17.77 -42.03 28.29
CA ILE B 183 16.78 -42.66 29.19
C ILE B 183 17.45 -43.50 30.26
N ASP B 184 18.61 -44.08 29.98
CA ASP B 184 19.39 -44.78 31.00
C ASP B 184 20.06 -43.88 32.06
N GLY B 185 20.33 -42.61 31.74
CA GLY B 185 21.00 -41.71 32.69
C GLY B 185 20.10 -41.19 33.80
N ASN B 186 20.71 -40.63 34.84
CA ASN B 186 20.00 -40.10 36.03
C ASN B 186 20.41 -38.68 36.51
N GLY B 187 20.76 -37.80 35.59
CA GLY B 187 21.04 -36.38 35.90
C GLY B 187 20.15 -35.32 35.26
N GLU B 188 20.78 -34.25 34.81
CA GLU B 188 20.11 -33.00 34.50
C GLU B 188 19.31 -33.10 33.21
N LEU B 189 19.89 -33.77 32.24
CA LEU B 189 19.26 -33.95 30.96
C LEU B 189 18.04 -34.89 31.07
N LYS B 190 18.20 -35.95 31.87
CA LYS B 190 17.11 -36.86 32.15
C LYS B 190 15.97 -36.12 32.83
N SER B 191 16.31 -35.27 33.79
CA SER B 191 15.33 -34.43 34.47
C SER B 191 14.50 -33.49 33.51
N LYS B 192 15.17 -32.93 32.51
CA LYS B 192 14.52 -32.14 31.48
C LYS B 192 13.62 -33.02 30.58
N LEU B 193 14.05 -34.24 30.26
CA LEU B 193 13.20 -35.21 29.53
C LEU B 193 11.87 -35.44 30.24
N LEU B 194 11.94 -35.64 31.55
CA LEU B 194 10.75 -35.87 32.37
C LEU B 194 9.82 -34.66 32.45
N ASP B 195 10.38 -33.45 32.57
CA ASP B 195 9.59 -32.22 32.53
C ASP B 195 8.87 -32.09 31.20
N PHE B 196 9.60 -32.34 30.11
CA PHE B 196 9.07 -32.30 28.76
C PHE B 196 7.92 -33.26 28.60
N ARG B 197 8.11 -34.49 29.05
CA ARG B 197 7.05 -35.47 28.83
C ARG B 197 5.84 -35.36 29.77
N ASN B 198 6.03 -34.79 30.97
CA ASN B 198 4.91 -34.50 31.89
C ASN B 198 4.21 -33.17 31.69
N ASP B 199 4.75 -32.33 30.83
CA ASP B 199 4.15 -31.05 30.47
C ASP B 199 2.87 -31.35 29.67
N PRO B 200 1.70 -30.87 30.14
CA PRO B 200 0.44 -31.27 29.52
C PRO B 200 0.26 -30.81 28.08
N SER B 201 0.93 -29.73 27.67
CA SER B 201 0.85 -29.26 26.31
C SER B 201 1.79 -30.06 25.38
N ILE B 202 2.57 -30.98 25.96
CA ILE B 202 3.31 -31.96 25.17
C ILE B 202 2.50 -33.27 25.15
N SER B 203 2.13 -33.76 26.31
CA SER B 203 1.55 -35.09 26.40
C SER B 203 0.19 -35.23 25.73
N CYS B 204 -0.53 -34.12 25.49
CA CYS B 204 -1.82 -34.17 24.82
C CYS B 204 -1.71 -34.63 23.37
N TRP B 205 -0.53 -34.56 22.78
CA TRP B 205 -0.26 -35.17 21.44
C TRP B 205 0.85 -36.25 21.45
N LEU B 206 1.84 -36.13 22.32
CA LEU B 206 3.01 -37.03 22.23
C LEU B 206 2.73 -38.48 22.69
N GLU B 207 1.87 -38.64 23.67
CA GLU B 207 1.48 -39.97 24.14
C GLU B 207 0.84 -40.77 22.97
N ASP B 208 -0.19 -40.19 22.37
CA ASP B 208 -0.82 -40.77 21.20
C ASP B 208 0.17 -41.04 20.08
N ALA B 209 1.11 -40.11 19.83
CA ALA B 209 2.04 -40.34 18.77
C ALA B 209 2.96 -41.58 19.05
N ALA B 210 3.41 -41.69 20.29
CA ALA B 210 4.31 -42.75 20.66
C ALA B 210 3.61 -44.13 20.65
N TYR B 211 2.35 -44.17 21.06
CA TYR B 211 1.55 -45.44 21.01
C TYR B 211 1.27 -45.86 19.59
N PHE B 212 0.88 -44.89 18.75
CA PHE B 212 0.68 -45.16 17.32
C PHE B 212 1.94 -45.76 16.68
N ALA B 213 3.08 -45.10 16.90
CA ALA B 213 4.35 -45.57 16.36
C ALA B 213 4.72 -46.97 16.87
N ALA B 214 4.49 -47.22 18.15
CA ALA B 214 4.73 -48.52 18.77
C ALA B 214 3.84 -49.63 18.19
N ILE B 215 2.57 -49.32 17.97
CA ILE B 215 1.67 -50.30 17.33
C ILE B 215 2.12 -50.54 15.91
N ASP B 216 2.50 -49.48 15.21
CA ASP B 216 2.98 -49.59 13.85
C ASP B 216 4.26 -50.46 13.78
N ASN B 217 5.11 -50.29 14.78
CA ASN B 217 6.29 -51.16 14.91
C ASN B 217 5.95 -52.63 15.24
N THR B 218 4.90 -52.86 16.03
CA THR B 218 4.42 -54.20 16.38
C THR B 218 3.79 -54.96 15.20
N LEU B 219 3.09 -54.25 14.30
CA LEU B 219 2.23 -54.88 13.28
C LEU B 219 2.81 -54.80 11.89
N ASN B 220 2.65 -55.86 11.10
CA ASN B 220 2.90 -55.84 9.65
C ASN B 220 1.61 -55.51 8.97
N ALA B 221 1.37 -54.23 8.72
CA ALA B 221 0.10 -53.81 8.11
C ALA B 221 0.33 -52.56 7.28
N TYR B 222 -0.44 -52.45 6.21
CA TYR B 222 -0.39 -51.32 5.29
C TYR B 222 -0.66 -50.01 6.06
N SER B 223 -1.84 -49.90 6.68
CA SER B 223 -2.20 -48.76 7.49
C SER B 223 -3.03 -49.20 8.70
N TRP B 224 -3.38 -48.24 9.57
CA TRP B 224 -4.17 -48.55 10.73
C TRP B 224 -5.59 -49.05 10.37
N PHE B 225 -6.05 -48.78 9.13
CA PHE B 225 -7.28 -49.37 8.65
C PHE B 225 -7.28 -50.92 8.78
N GLU B 226 -6.12 -51.56 8.62
CA GLU B 226 -5.96 -53.03 8.63
C GLU B 226 -5.72 -53.62 10.04
N TRP B 227 -5.57 -52.75 11.03
CA TRP B 227 -5.22 -53.18 12.36
C TRP B 227 -6.37 -53.94 13.00
N PRO B 228 -6.05 -54.88 13.89
CA PRO B 228 -7.12 -55.59 14.61
C PRO B 228 -7.96 -54.59 15.44
N GLU B 229 -9.23 -54.91 15.62
CA GLU B 229 -10.19 -53.96 16.19
C GLU B 229 -9.77 -53.27 17.49
N PRO B 230 -9.27 -54.02 18.51
CA PRO B 230 -8.85 -53.40 19.76
C PRO B 230 -7.69 -52.36 19.61
N LEU B 231 -6.76 -52.59 18.70
CA LEU B 231 -5.71 -51.62 18.40
C LEU B 231 -6.21 -50.49 17.48
N LYS B 232 -6.97 -50.87 16.47
CA LYS B 232 -7.56 -49.92 15.55
C LYS B 232 -8.37 -48.88 16.30
N ASN B 233 -9.19 -49.33 17.26
CA ASN B 233 -10.07 -48.47 18.03
C ASN B 233 -9.63 -48.20 19.47
N ARG B 234 -8.36 -48.41 19.76
CA ARG B 234 -7.71 -47.88 20.97
C ARG B 234 -8.39 -48.35 22.23
N HIS B 235 -8.65 -49.63 22.28
CA HIS B 235 -9.17 -50.21 23.50
C HIS B 235 -8.12 -50.06 24.58
N LEU B 236 -8.56 -49.73 25.78
CA LEU B 236 -7.64 -49.46 26.88
C LEU B 236 -6.70 -50.62 27.25
N SER B 237 -7.23 -51.83 27.38
CA SER B 237 -6.42 -52.97 27.74
C SER B 237 -5.43 -53.33 26.61
N ALA B 238 -5.81 -53.03 25.36
CA ALA B 238 -4.92 -53.16 24.21
C ALA B 238 -3.74 -52.20 24.30
N LEU B 239 -4.03 -50.95 24.67
CA LEU B 239 -2.99 -49.94 24.84
C LEU B 239 -2.06 -50.29 26.01
N GLU B 240 -2.61 -50.76 27.11
CA GLU B 240 -1.80 -51.27 28.23
C GLU B 240 -0.86 -52.44 27.81
N ALA B 241 -1.41 -53.38 27.03
CA ALA B 241 -0.62 -54.50 26.50
C ALA B 241 0.53 -53.99 25.63
N ILE B 242 0.23 -53.03 24.79
CA ILE B 242 1.27 -52.36 23.99
C ILE B 242 2.33 -51.66 24.86
N TYR B 243 1.89 -50.97 25.91
CA TYR B 243 2.85 -50.35 26.82
C TYR B 243 3.83 -51.38 27.44
N GLU B 244 3.32 -52.54 27.85
CA GLU B 244 4.20 -53.58 28.37
C GLU B 244 5.12 -54.16 27.32
N SER B 245 4.59 -54.47 26.16
CA SER B 245 5.37 -55.19 25.16
C SER B 245 6.28 -54.26 24.37
N GLN B 246 5.97 -52.96 24.34
CA GLN B 246 6.79 -51.96 23.61
C GLN B 246 7.35 -50.82 24.47
N LYS B 247 7.53 -51.07 25.75
CA LYS B 247 7.91 -50.00 26.68
C LYS B 247 9.17 -49.26 26.27
N GLU B 248 10.17 -50.01 25.84
CA GLU B 248 11.43 -49.41 25.47
C GLU B 248 11.27 -48.56 24.22
N PHE B 249 10.56 -49.06 23.21
CA PHE B 249 10.34 -48.32 21.97
C PHE B 249 9.64 -46.98 22.26
N ILE B 250 8.64 -47.03 23.13
CA ILE B 250 7.88 -45.86 23.51
C ILE B 250 8.76 -44.83 24.21
N ASP B 251 9.55 -45.28 25.20
CA ASP B 251 10.46 -44.39 25.88
C ASP B 251 11.53 -43.79 24.94
N LEU B 252 12.01 -44.59 23.99
CA LEU B 252 12.94 -44.11 22.97
C LEU B 252 12.30 -43.08 22.01
N PHE B 253 11.08 -43.36 21.57
CA PHE B 253 10.36 -42.45 20.67
C PHE B 253 10.16 -41.09 21.35
N ILE B 254 9.76 -41.13 22.61
CA ILE B 254 9.57 -39.91 23.40
C ILE B 254 10.91 -39.18 23.58
N ALA B 255 11.96 -39.92 23.95
CA ALA B 255 13.30 -39.34 24.04
C ALA B 255 13.74 -38.68 22.75
N LYS B 256 13.45 -39.29 21.61
CA LYS B 256 13.79 -38.66 20.31
C LYS B 256 13.04 -37.38 20.01
N GLN B 257 11.76 -37.33 20.36
CA GLN B 257 11.03 -36.06 20.30
C GLN B 257 11.59 -34.97 21.22
N PHE B 258 12.07 -35.36 22.40
CA PHE B 258 12.75 -34.42 23.32
C PHE B 258 14.02 -33.86 22.70
N LEU B 259 14.80 -34.72 22.06
CA LEU B 259 16.05 -34.29 21.45
C LEU B 259 15.80 -33.34 20.26
N PHE B 260 14.75 -33.62 19.49
CA PHE B 260 14.37 -32.70 18.43
C PHE B 260 14.00 -31.32 19.02
N GLN B 261 13.16 -31.34 20.04
CA GLN B 261 12.69 -30.14 20.72
C GLN B 261 13.85 -29.32 21.24
N ARG B 262 14.75 -30.00 21.92
CA ARG B 262 15.92 -29.37 22.48
C ARG B 262 16.78 -28.68 21.44
N GLN B 263 17.08 -29.40 20.35
CA GLN B 263 17.90 -28.84 19.30
C GLN B 263 17.18 -27.75 18.49
N TRP B 264 15.90 -27.97 18.22
CA TRP B 264 15.13 -26.92 17.54
C TRP B 264 15.10 -25.61 18.38
N GLN B 265 14.91 -25.74 19.70
CA GLN B 265 14.85 -24.56 20.55
C GLN B 265 16.18 -23.83 20.65
N LYS B 266 17.31 -24.54 20.55
CA LYS B 266 18.62 -23.90 20.51
C LYS B 266 18.80 -23.08 19.24
N VAL B 267 18.38 -23.65 18.11
CA VAL B 267 18.38 -22.95 16.83
C VAL B 267 17.48 -21.72 16.91
N ARG B 268 16.30 -21.87 17.45
CA ARG B 268 15.38 -20.73 17.59
C ARG B 268 15.91 -19.60 18.48
N GLU B 269 16.50 -19.95 19.63
CA GLU B 269 17.08 -18.95 20.51
C GLU B 269 18.30 -18.26 19.87
N TYR B 270 19.08 -19.04 19.12
CA TYR B 270 20.21 -18.50 18.43
C TYR B 270 19.75 -17.49 17.35
N ALA B 271 18.70 -17.84 16.63
CA ALA B 271 18.09 -16.90 15.68
C ALA B 271 17.61 -15.62 16.39
N ARG B 272 16.95 -15.78 17.53
CA ARG B 272 16.50 -14.62 18.32
C ARG B 272 17.69 -13.78 18.78
N ARG B 273 18.76 -14.41 19.26
CA ARG B 273 19.97 -13.68 19.65
C ARG B 273 20.58 -12.88 18.51
N GLN B 274 20.50 -13.40 17.28
CA GLN B 274 20.94 -12.69 16.08
C GLN B 274 19.86 -11.83 15.37
N GLY B 275 18.72 -11.54 16.00
CA GLY B 275 17.72 -10.67 15.39
C GLY B 275 16.93 -11.28 14.25
N VAL B 276 16.71 -12.58 14.31
CA VAL B 276 16.06 -13.30 13.24
C VAL B 276 14.84 -14.00 13.82
N ASP B 277 13.67 -13.67 13.28
CA ASP B 277 12.45 -14.34 13.62
C ASP B 277 12.36 -15.58 12.74
N ILE B 278 11.74 -16.63 13.26
CA ILE B 278 11.47 -17.83 12.44
C ILE B 278 9.99 -17.97 12.16
N MET B 279 9.69 -18.15 10.86
CA MET B 279 8.35 -18.30 10.40
C MET B 279 8.24 -19.77 10.01
N GLY B 280 7.40 -20.49 10.74
CA GLY B 280 7.08 -21.87 10.44
C GLY B 280 5.93 -21.98 9.49
N ASP B 281 5.46 -23.19 9.28
CA ASP B 281 4.41 -23.43 8.30
C ASP B 281 3.55 -24.53 8.88
N MET B 282 2.24 -24.32 8.81
CA MET B 282 1.26 -25.20 9.36
C MET B 282 0.55 -25.80 8.18
N PRO B 283 0.89 -27.05 7.84
CA PRO B 283 0.17 -27.69 6.72
C PRO B 283 -1.32 -27.87 7.02
N ILE B 284 -2.20 -27.62 6.06
CA ILE B 284 -3.61 -27.67 6.39
C ILE B 284 -4.06 -29.09 6.73
N TYR B 285 -3.50 -30.10 6.06
CA TYR B 285 -3.89 -31.52 6.26
C TYR B 285 -2.72 -32.38 6.76
N VAL B 286 -3.10 -33.49 7.35
CA VAL B 286 -2.15 -34.51 7.79
C VAL B 286 -2.49 -35.79 7.03
N GLY B 287 -1.52 -36.69 6.91
CA GLY B 287 -1.79 -38.02 6.32
C GLY B 287 -2.72 -38.94 7.12
N TYR B 288 -3.36 -39.85 6.41
CA TYR B 288 -4.30 -40.82 6.99
C TYR B 288 -3.62 -41.68 8.05
N HIS B 289 -2.45 -42.20 7.71
CA HIS B 289 -1.69 -43.05 8.61
C HIS B 289 -0.92 -42.17 9.61
N SER B 290 -1.65 -41.67 10.59
CA SER B 290 -1.06 -40.82 11.61
C SER B 290 -1.85 -40.96 12.90
N ALA B 291 -1.15 -40.69 14.00
CA ALA B 291 -1.79 -40.66 15.29
C ALA B 291 -2.90 -39.65 15.33
N ASP B 292 -2.73 -38.57 14.61
CA ASP B 292 -3.76 -37.53 14.60
C ASP B 292 -5.09 -38.04 14.13
N VAL B 293 -5.10 -38.83 13.06
CA VAL B 293 -6.37 -39.32 12.55
C VAL B 293 -6.87 -40.50 13.40
N TRP B 294 -5.99 -41.45 13.68
CA TRP B 294 -6.33 -42.64 14.48
C TRP B 294 -6.86 -42.30 15.87
N ALA B 295 -6.22 -41.36 16.57
CA ALA B 295 -6.65 -41.00 17.92
C ALA B 295 -7.82 -40.03 17.95
N ASN B 296 -8.22 -39.49 16.81
CA ASN B 296 -9.27 -38.48 16.76
C ASN B 296 -10.20 -38.73 15.56
N LYS B 297 -10.62 -39.99 15.42
CA LYS B 297 -11.46 -40.46 14.31
C LYS B 297 -12.72 -39.67 14.08
N LYS B 298 -13.43 -39.39 15.18
CA LYS B 298 -14.68 -38.65 15.16
C LYS B 298 -14.53 -37.28 14.48
N HIS B 299 -13.33 -36.71 14.53
CA HIS B 299 -13.06 -35.39 13.94
C HIS B 299 -12.65 -35.38 12.49
N PHE B 300 -12.67 -36.53 11.82
CA PHE B 300 -12.35 -36.58 10.37
C PHE B 300 -13.53 -37.23 9.66
N LEU B 301 -13.59 -37.07 8.35
CA LEU B 301 -14.71 -37.55 7.55
C LEU B 301 -14.42 -39.00 7.12
N LEU B 302 -14.63 -39.91 8.06
CA LEU B 302 -14.43 -41.36 7.89
C LEU B 302 -15.77 -42.08 7.98
N ASN B 303 -15.89 -43.25 7.33
CA ASN B 303 -17.07 -44.10 7.51
C ASN B 303 -17.03 -44.84 8.87
N LYS B 304 -17.98 -45.75 9.10
CA LYS B 304 -18.05 -46.55 10.34
C LYS B 304 -16.78 -47.38 10.60
N LYS B 305 -16.14 -47.85 9.53
CA LYS B 305 -14.92 -48.67 9.63
C LYS B 305 -13.60 -47.86 9.66
N GLY B 306 -13.70 -46.54 9.69
CA GLY B 306 -12.52 -45.66 9.70
C GLY B 306 -11.88 -45.34 8.36
N PHE B 307 -12.56 -45.62 7.25
CA PHE B 307 -12.02 -45.34 5.91
C PHE B 307 -12.50 -43.97 5.46
N PRO B 308 -11.62 -43.18 4.79
CA PRO B 308 -12.11 -41.86 4.37
C PRO B 308 -13.23 -41.95 3.28
N LEU B 309 -14.27 -41.16 3.44
CA LEU B 309 -15.32 -40.96 2.41
C LEU B 309 -14.80 -40.04 1.30
N LEU B 310 -14.15 -38.97 1.73
CA LEU B 310 -13.69 -37.90 0.85
C LEU B 310 -12.25 -37.58 1.19
N VAL B 311 -11.50 -37.18 0.17
CA VAL B 311 -10.11 -36.78 0.33
C VAL B 311 -9.91 -35.36 -0.25
N SER B 312 -8.71 -34.85 -0.04
CA SER B 312 -8.40 -33.45 -0.29
C SER B 312 -7.74 -33.24 -1.65
N GLY B 313 -7.85 -31.98 -2.12
CA GLY B 313 -7.16 -31.50 -3.32
C GLY B 313 -7.72 -30.16 -3.79
N VAL B 314 -7.40 -29.80 -5.04
CA VAL B 314 -7.98 -28.65 -5.71
C VAL B 314 -8.36 -29.05 -7.13
N PRO B 315 -9.40 -28.41 -7.70
CA PRO B 315 -9.83 -28.68 -9.08
C PRO B 315 -8.75 -28.27 -10.10
N PRO B 316 -8.97 -28.55 -11.40
CA PRO B 316 -8.05 -28.14 -12.47
C PRO B 316 -7.48 -26.71 -12.31
N ASP B 317 -6.17 -26.60 -12.40
CA ASP B 317 -5.47 -25.37 -12.04
C ASP B 317 -4.23 -25.16 -12.95
N LEU B 318 -3.35 -24.24 -12.56
CA LEU B 318 -2.08 -24.00 -13.27
C LEU B 318 -1.19 -25.25 -13.40
N PHE B 319 -1.05 -26.01 -12.29
CA PHE B 319 -0.09 -27.15 -12.22
C PHE B 319 -0.58 -28.49 -12.75
N SER B 320 -1.89 -28.63 -12.95
CA SER B 320 -2.47 -29.88 -13.46
C SER B 320 -3.88 -29.68 -14.05
N GLU B 321 -4.10 -30.15 -15.27
CA GLU B 321 -5.40 -30.01 -15.92
C GLU B 321 -6.43 -31.01 -15.41
N THR B 322 -6.02 -31.94 -14.54
CA THR B 322 -6.95 -32.79 -13.78
C THR B 322 -7.03 -32.40 -12.28
N GLY B 323 -6.38 -31.30 -11.88
CA GLY B 323 -6.32 -30.90 -10.47
C GLY B 323 -5.22 -31.58 -9.67
N GLN B 324 -5.02 -31.14 -8.44
CA GLN B 324 -4.03 -31.79 -7.56
C GLN B 324 -4.81 -32.73 -6.67
N LEU B 325 -4.56 -34.03 -6.77
CA LEU B 325 -5.22 -35.01 -5.88
C LEU B 325 -4.29 -35.35 -4.69
N TRP B 326 -4.33 -34.48 -3.68
CA TRP B 326 -3.44 -34.59 -2.51
C TRP B 326 -3.74 -35.89 -1.79
N GLY B 327 -5.03 -36.21 -1.61
CA GLY B 327 -5.46 -37.50 -1.07
C GLY B 327 -5.39 -37.66 0.44
N SER B 328 -5.30 -36.55 1.18
CA SER B 328 -5.40 -36.56 2.63
C SER B 328 -6.85 -36.69 3.08
N PRO B 329 -7.07 -37.20 4.30
CA PRO B 329 -8.43 -37.15 4.83
C PRO B 329 -8.87 -35.73 5.16
N LEU B 330 -10.16 -35.53 5.29
CA LEU B 330 -10.71 -34.21 5.50
C LEU B 330 -11.34 -34.11 6.88
N TYR B 331 -11.43 -32.86 7.37
CA TYR B 331 -11.92 -32.58 8.70
C TYR B 331 -13.42 -32.59 8.71
N ASP B 332 -13.97 -33.22 9.74
CA ASP B 332 -15.38 -33.11 10.09
C ASP B 332 -15.48 -31.87 10.96
N TRP B 333 -15.68 -30.75 10.29
CA TRP B 333 -15.65 -29.45 10.97
C TRP B 333 -16.75 -29.23 12.00
N LYS B 334 -17.95 -29.76 11.75
CA LYS B 334 -19.06 -29.63 12.69
C LYS B 334 -18.77 -30.40 14.00
N ALA B 335 -18.24 -31.61 13.88
CA ALA B 335 -17.78 -32.38 15.04
C ALA B 335 -16.67 -31.67 15.81
N MET B 336 -15.71 -31.08 15.10
CA MET B 336 -14.65 -30.30 15.76
C MET B 336 -15.20 -29.12 16.54
N GLU B 337 -16.20 -28.46 15.96
CA GLU B 337 -16.89 -27.36 16.66
C GLU B 337 -17.41 -27.80 18.03
N SER B 338 -17.91 -29.03 18.14
CA SER B 338 -18.45 -29.55 19.41
C SER B 338 -17.44 -29.65 20.57
N ASP B 339 -16.13 -29.71 20.33
CA ASP B 339 -15.17 -29.55 21.44
C ASP B 339 -14.22 -28.34 21.24
N GLN B 340 -14.81 -27.24 20.76
CA GLN B 340 -14.14 -25.96 20.47
C GLN B 340 -12.79 -26.09 19.74
N TYR B 341 -12.80 -26.94 18.71
CA TYR B 341 -11.68 -27.15 17.81
C TYR B 341 -10.37 -27.46 18.55
N SER B 342 -10.42 -28.30 19.59
CA SER B 342 -9.27 -28.48 20.49
C SER B 342 -8.04 -29.04 19.78
N TRP B 343 -8.26 -29.93 18.80
CA TRP B 343 -7.16 -30.50 18.02
C TRP B 343 -6.41 -29.40 17.25
N TRP B 344 -7.14 -28.56 16.53
CA TRP B 344 -6.55 -27.41 15.87
C TRP B 344 -5.92 -26.41 16.84
N VAL B 345 -6.56 -26.19 17.98
CA VAL B 345 -6.05 -25.27 18.99
C VAL B 345 -4.72 -25.78 19.50
N ASN B 346 -4.64 -27.07 19.80
CA ASN B 346 -3.38 -27.71 20.26
CA ASN B 346 -3.37 -27.60 20.27
C ASN B 346 -2.26 -27.52 19.23
N ARG B 347 -2.62 -27.66 17.95
CA ARG B 347 -1.68 -27.44 16.83
C ARG B 347 -1.05 -26.08 16.87
N ILE B 348 -1.89 -25.08 17.04
CA ILE B 348 -1.39 -23.70 17.06
C ILE B 348 -0.55 -23.46 18.32
N ARG B 349 -0.96 -24.04 19.44
CA ARG B 349 -0.21 -23.90 20.68
C ARG B 349 1.21 -24.49 20.51
N ARG B 350 1.29 -25.63 19.85
CA ARG B 350 2.56 -26.24 19.49
C ARG B 350 3.34 -25.28 18.57
N ALA B 351 2.72 -24.73 17.52
CA ALA B 351 3.42 -23.80 16.61
C ALA B 351 3.98 -22.57 17.34
N GLN B 352 3.21 -22.05 18.29
CA GLN B 352 3.64 -20.96 19.18
C GLN B 352 4.94 -21.23 19.91
N ASP B 353 5.08 -22.47 20.29
CA ASP B 353 6.24 -22.90 21.00
C ASP B 353 7.48 -23.05 20.10
N LEU B 354 7.27 -23.41 18.83
CA LEU B 354 8.38 -23.60 17.88
C LEU B 354 8.80 -22.31 17.13
N TYR B 355 7.85 -21.40 16.87
CA TYR B 355 8.02 -20.34 15.83
C TYR B 355 7.58 -18.99 16.35
N ASP B 356 8.16 -17.92 15.79
CA ASP B 356 7.70 -16.60 16.14
C ASP B 356 6.38 -16.29 15.43
N GLU B 357 6.22 -16.87 14.24
CA GLU B 357 5.14 -16.58 13.32
C GLU B 357 4.89 -17.84 12.53
N CYS B 358 3.72 -17.95 11.95
CA CYS B 358 3.39 -19.18 11.25
C CYS B 358 2.52 -18.96 10.02
N ARG B 359 2.95 -19.55 8.91
CA ARG B 359 2.18 -19.50 7.71
C ARG B 359 1.08 -20.55 7.84
N ILE B 360 -0.08 -20.20 7.33
CA ILE B 360 -1.18 -21.13 7.27
C ILE B 360 -1.37 -21.57 5.85
N ASP B 361 -0.92 -22.78 5.60
CA ASP B 361 -1.01 -23.38 4.31
C ASP B 361 -2.45 -23.54 3.83
N HIS B 362 -2.68 -23.28 2.53
CA HIS B 362 -4.00 -23.43 1.90
C HIS B 362 -5.08 -22.77 2.74
N PHE B 363 -4.84 -21.52 3.10
CA PHE B 363 -5.72 -20.77 3.95
C PHE B 363 -7.17 -20.68 3.42
N ARG B 364 -7.33 -20.65 2.08
CA ARG B 364 -8.68 -20.64 1.46
C ARG B 364 -9.54 -21.81 1.99
N GLY B 365 -8.88 -22.92 2.34
CA GLY B 365 -9.57 -24.11 2.85
C GLY B 365 -10.36 -23.94 4.14
N PHE B 366 -10.10 -22.87 4.90
CA PHE B 366 -10.93 -22.56 6.08
C PHE B 366 -12.22 -21.83 5.74
N ALA B 367 -12.29 -21.24 4.55
CA ALA B 367 -13.56 -20.69 4.04
C ALA B 367 -14.33 -21.74 3.20
N GLY B 368 -13.63 -22.41 2.31
CA GLY B 368 -14.21 -23.48 1.50
C GLY B 368 -13.14 -24.46 1.06
N PHE B 369 -13.46 -25.78 1.05
CA PHE B 369 -12.47 -26.79 0.70
C PHE B 369 -13.02 -27.78 -0.33
N TRP B 370 -12.12 -28.23 -1.20
CA TRP B 370 -12.42 -29.16 -2.27
C TRP B 370 -12.37 -30.58 -1.71
N ALA B 371 -13.47 -31.30 -1.91
CA ALA B 371 -13.70 -32.65 -1.38
C ALA B 371 -13.94 -33.61 -2.54
N VAL B 372 -13.03 -34.57 -2.72
CA VAL B 372 -13.03 -35.58 -3.82
C VAL B 372 -13.38 -36.95 -3.24
N PRO B 373 -14.25 -37.73 -3.92
CA PRO B 373 -14.52 -39.12 -3.53
C PRO B 373 -13.24 -39.95 -3.39
N SER B 374 -13.14 -40.74 -2.33
CA SER B 374 -11.86 -41.39 -1.98
C SER B 374 -11.35 -42.44 -3.00
N GLU B 375 -12.27 -43.04 -3.74
CA GLU B 375 -11.88 -44.02 -4.76
C GLU B 375 -11.29 -43.38 -6.07
N ALA B 376 -11.54 -42.09 -6.29
CA ALA B 376 -11.15 -41.38 -7.54
C ALA B 376 -9.63 -41.39 -7.84
N LYS B 377 -9.30 -41.38 -9.12
CA LYS B 377 -7.89 -41.33 -9.58
C LYS B 377 -7.45 -39.95 -10.08
N VAL B 378 -8.37 -38.98 -10.10
CA VAL B 378 -8.12 -37.60 -10.47
C VAL B 378 -8.97 -36.68 -9.59
N ALA B 379 -8.46 -35.45 -9.37
CA ALA B 379 -9.13 -34.50 -8.46
C ALA B 379 -10.31 -33.77 -9.13
N MET B 380 -10.38 -33.77 -10.45
CA MET B 380 -11.35 -32.93 -11.19
C MET B 380 -12.84 -33.22 -10.97
N VAL B 381 -13.19 -34.41 -10.52
CA VAL B 381 -14.54 -34.65 -9.99
C VAL B 381 -14.48 -34.32 -8.51
N GLY B 382 -15.38 -33.46 -8.03
CA GLY B 382 -15.35 -33.00 -6.64
C GLY B 382 -16.36 -31.90 -6.35
N ARG B 383 -16.51 -31.53 -5.09
CA ARG B 383 -17.40 -30.47 -4.66
C ARG B 383 -16.65 -29.55 -3.70
N TRP B 384 -16.93 -28.25 -3.83
CA TRP B 384 -16.59 -27.27 -2.82
C TRP B 384 -17.52 -27.39 -1.62
N LYS B 385 -16.92 -27.47 -0.44
CA LYS B 385 -17.69 -27.56 0.83
C LYS B 385 -17.35 -26.40 1.78
N VAL B 386 -18.30 -26.06 2.63
CA VAL B 386 -18.21 -24.91 3.52
C VAL B 386 -17.24 -25.18 4.66
N GLY B 387 -16.28 -24.29 4.81
CA GLY B 387 -15.31 -24.33 5.90
C GLY B 387 -15.84 -23.72 7.20
N PRO B 388 -15.07 -23.86 8.30
CA PRO B 388 -15.44 -23.34 9.62
C PRO B 388 -15.42 -21.84 9.76
N GLY B 389 -14.68 -21.15 8.89
CA GLY B 389 -14.58 -19.70 8.94
C GLY B 389 -14.01 -19.16 10.25
N LYS B 390 -14.47 -17.98 10.63
CA LYS B 390 -13.89 -17.23 11.76
C LYS B 390 -14.07 -17.93 13.10
N SER B 391 -15.15 -18.68 13.22
CA SER B 391 -15.40 -19.49 14.40
C SER B 391 -14.12 -20.26 14.84
N LEU B 392 -13.36 -20.80 13.88
CA LEU B 392 -12.08 -21.48 14.20
C LEU B 392 -11.03 -20.54 14.81
N PHE B 393 -10.87 -19.36 14.22
CA PHE B 393 -9.87 -18.39 14.70
C PHE B 393 -10.27 -17.75 16.03
N ASP B 394 -11.57 -17.60 16.28
CA ASP B 394 -12.05 -17.17 17.60
C ASP B 394 -11.68 -18.20 18.67
N ALA B 395 -11.86 -19.47 18.34
CA ALA B 395 -11.47 -20.55 19.24
C ALA B 395 -9.95 -20.53 19.48
N ILE B 396 -9.16 -20.32 18.43
CA ILE B 396 -7.71 -20.25 18.59
C ILE B 396 -7.34 -19.07 19.50
N SER B 397 -7.88 -17.89 19.22
CA SER B 397 -7.63 -16.70 20.05
C SER B 397 -7.96 -16.95 21.52
N LYS B 398 -9.17 -17.44 21.81
CA LYS B 398 -9.58 -17.77 23.18
C LYS B 398 -8.61 -18.75 23.87
N GLY B 399 -8.16 -19.76 23.14
CA GLY B 399 -7.28 -20.77 23.71
C GLY B 399 -5.79 -20.42 23.86
N VAL B 400 -5.24 -19.65 22.91
CA VAL B 400 -3.79 -19.39 22.89
C VAL B 400 -3.46 -17.90 23.00
N GLY B 401 -4.45 -17.02 22.83
CA GLY B 401 -4.20 -15.59 22.83
C GLY B 401 -3.66 -15.07 21.51
N LYS B 402 -2.76 -14.11 21.60
CA LYS B 402 -2.25 -13.38 20.44
C LYS B 402 -1.38 -14.30 19.59
N ILE B 403 -1.62 -14.30 18.28
CA ILE B 403 -0.85 -15.10 17.31
C ILE B 403 -0.43 -14.20 16.13
N LYS B 404 0.69 -14.56 15.49
CA LYS B 404 1.15 -13.95 14.25
C LYS B 404 1.08 -15.00 13.15
N ILE B 405 0.12 -14.83 12.27
CA ILE B 405 -0.24 -15.78 11.25
C ILE B 405 -0.10 -15.09 9.89
N ILE B 406 0.31 -15.87 8.88
CA ILE B 406 0.37 -15.43 7.50
C ILE B 406 -0.50 -16.37 6.66
N ALA B 407 -1.52 -15.84 5.99
CA ALA B 407 -2.39 -16.65 5.14
C ALA B 407 -1.74 -16.92 3.79
N GLU B 408 -1.54 -18.19 3.47
CA GLU B 408 -1.30 -18.56 2.10
C GLU B 408 -2.61 -18.54 1.34
N ASP B 409 -2.94 -17.36 0.84
CA ASP B 409 -4.20 -17.10 0.10
C ASP B 409 -3.96 -17.22 -1.39
N LEU B 410 -3.26 -18.27 -1.82
CA LEU B 410 -3.04 -18.51 -3.24
C LEU B 410 -3.96 -19.63 -3.68
N GLY B 411 -4.47 -19.46 -4.89
CA GLY B 411 -5.35 -20.41 -5.54
C GLY B 411 -6.61 -19.72 -6.04
N VAL B 412 -7.72 -20.42 -5.93
CA VAL B 412 -9.01 -19.90 -6.31
C VAL B 412 -9.40 -19.02 -5.13
N ILE B 413 -9.50 -17.70 -5.31
CA ILE B 413 -9.78 -16.79 -4.18
C ILE B 413 -11.16 -16.22 -4.40
N THR B 414 -12.13 -16.78 -3.69
CA THR B 414 -13.51 -16.34 -3.74
C THR B 414 -13.71 -15.28 -2.66
N LYS B 415 -14.85 -14.58 -2.70
CA LYS B 415 -15.15 -13.44 -1.81
C LYS B 415 -15.04 -13.75 -0.33
N ASP B 416 -15.54 -14.94 0.05
CA ASP B 416 -15.48 -15.42 1.44
C ASP B 416 -14.07 -15.57 1.97
N VAL B 417 -13.14 -15.96 1.09
CA VAL B 417 -11.75 -16.10 1.45
C VAL B 417 -11.12 -14.76 1.83
N VAL B 418 -11.36 -13.76 1.01
CA VAL B 418 -10.83 -12.41 1.25
C VAL B 418 -11.42 -11.85 2.55
N GLU B 419 -12.73 -12.03 2.70
CA GLU B 419 -13.42 -11.50 3.86
C GLU B 419 -12.92 -12.20 5.14
N LEU B 420 -12.70 -13.52 5.06
CA LEU B 420 -12.23 -14.26 6.21
C LEU B 420 -10.85 -13.76 6.64
N ARG B 421 -9.96 -13.59 5.67
CA ARG B 421 -8.59 -13.10 5.92
C ARG B 421 -8.61 -11.71 6.56
N LYS B 422 -9.41 -10.81 5.97
CA LYS B 422 -9.58 -9.47 6.54
C LYS B 422 -10.17 -9.47 7.93
N SER B 423 -11.16 -10.30 8.17
CA SER B 423 -11.79 -10.36 9.49
C SER B 423 -10.84 -10.76 10.62
N ILE B 424 -9.79 -11.54 10.33
CA ILE B 424 -8.82 -11.93 11.37
C ILE B 424 -7.55 -11.07 11.33
N GLY B 425 -7.52 -10.07 10.45
CA GLY B 425 -6.37 -9.20 10.30
C GLY B 425 -5.08 -9.80 9.76
N ALA B 426 -5.13 -10.97 9.14
CA ALA B 426 -3.91 -11.63 8.69
C ALA B 426 -3.40 -11.08 7.34
N PRO B 427 -2.06 -10.93 7.17
CA PRO B 427 -1.54 -10.63 5.85
C PRO B 427 -1.67 -11.80 4.92
N GLY B 428 -1.76 -11.50 3.63
CA GLY B 428 -1.78 -12.49 2.58
C GLY B 428 -0.47 -12.47 1.82
N MET B 429 -0.50 -13.10 0.64
CA MET B 429 0.67 -13.25 -0.17
C MET B 429 0.56 -12.63 -1.56
N ALA B 430 1.70 -12.17 -2.05
CA ALA B 430 1.92 -11.89 -3.45
C ALA B 430 3.15 -12.66 -3.92
N VAL B 431 3.07 -13.22 -5.12
CA VAL B 431 4.14 -14.00 -5.76
C VAL B 431 4.45 -13.42 -7.15
N LEU B 432 5.64 -12.88 -7.31
CA LEU B 432 5.99 -12.17 -8.52
C LEU B 432 5.93 -13.05 -9.74
N GLN B 433 6.22 -14.34 -9.60
CA GLN B 433 6.11 -15.27 -10.73
C GLN B 433 4.72 -15.39 -11.37
N PHE B 434 3.68 -14.99 -10.62
CA PHE B 434 2.30 -14.99 -11.10
C PHE B 434 1.83 -13.63 -11.69
N ALA B 435 2.69 -12.60 -11.66
CA ALA B 435 2.27 -11.23 -11.90
C ALA B 435 2.03 -10.85 -13.36
N PHE B 436 2.44 -11.69 -14.30
CA PHE B 436 2.53 -11.28 -15.70
C PHE B 436 1.56 -11.97 -16.64
N GLY B 437 0.62 -12.73 -16.09
CA GLY B 437 -0.61 -13.11 -16.82
C GLY B 437 -1.67 -12.01 -16.65
N GLY B 438 -2.62 -11.98 -17.54
CA GLY B 438 -3.71 -11.01 -17.52
C GLY B 438 -3.26 -9.56 -17.70
N GLY B 439 -4.06 -8.66 -17.15
CA GLY B 439 -3.82 -7.23 -17.27
C GLY B 439 -3.18 -6.63 -16.03
N ALA B 440 -3.30 -5.31 -15.97
CA ALA B 440 -2.70 -4.52 -14.91
C ALA B 440 -3.38 -4.64 -13.54
N ASP B 441 -4.53 -5.30 -13.50
CA ASP B 441 -5.21 -5.60 -12.25
C ASP B 441 -4.72 -6.86 -11.55
N ASN B 442 -3.81 -7.62 -12.17
CA ASN B 442 -3.19 -8.75 -11.55
C ASN B 442 -2.63 -8.39 -10.13
N PRO B 443 -3.15 -9.03 -9.06
CA PRO B 443 -2.78 -8.62 -7.69
C PRO B 443 -1.34 -8.84 -7.30
N HIS B 444 -0.61 -9.62 -8.09
CA HIS B 444 0.78 -9.92 -7.82
C HIS B 444 1.71 -8.86 -8.38
N LEU B 445 1.17 -7.95 -9.21
CA LEU B 445 1.95 -6.78 -9.67
C LEU B 445 2.25 -5.82 -8.50
N PRO B 446 3.49 -5.32 -8.39
CA PRO B 446 3.90 -4.40 -7.32
C PRO B 446 2.95 -3.26 -7.01
N HIS B 447 2.47 -2.57 -8.03
CA HIS B 447 1.53 -1.47 -7.85
C HIS B 447 0.18 -1.86 -7.23
N ASN B 448 -0.15 -3.15 -7.25
CA ASN B 448 -1.32 -3.66 -6.54
C ASN B 448 -1.00 -4.32 -5.20
N HIS B 449 0.27 -4.33 -4.77
CA HIS B 449 0.59 -4.86 -3.43
C HIS B 449 0.01 -4.00 -2.31
N GLU B 450 -0.15 -4.62 -1.15
CA GLU B 450 -0.67 -4.02 0.08
C GLU B 450 0.44 -4.04 1.10
N VAL B 451 0.32 -3.18 2.11
CA VAL B 451 1.30 -3.11 3.17
C VAL B 451 1.27 -4.36 4.03
N ASN B 452 0.06 -4.78 4.42
CA ASN B 452 -0.08 -5.94 5.26
C ASN B 452 -0.08 -7.16 4.38
N GLN B 453 1.10 -7.54 3.95
CA GLN B 453 1.24 -8.62 2.98
C GLN B 453 2.68 -9.10 2.98
N VAL B 454 2.88 -10.32 2.50
CA VAL B 454 4.18 -10.87 2.30
C VAL B 454 4.40 -11.11 0.79
N VAL B 455 5.44 -10.50 0.25
CA VAL B 455 5.79 -10.66 -1.15
C VAL B 455 6.90 -11.69 -1.29
N TYR B 456 6.71 -12.63 -2.22
CA TYR B 456 7.71 -13.66 -2.58
C TYR B 456 8.11 -13.47 -4.04
N SER B 457 9.36 -13.79 -4.37
CA SER B 457 9.72 -14.00 -5.76
C SER B 457 8.98 -15.25 -6.24
N GLY B 458 9.04 -16.28 -5.42
CA GLY B 458 8.31 -17.54 -5.61
C GLY B 458 8.36 -18.33 -4.32
N THR B 459 7.54 -19.37 -4.19
CA THR B 459 7.60 -20.27 -3.05
C THR B 459 8.27 -21.59 -3.40
N HIS B 460 8.33 -22.50 -2.43
CA HIS B 460 8.81 -23.87 -2.69
C HIS B 460 7.99 -24.62 -3.81
N ASP B 461 6.74 -24.20 -4.05
CA ASP B 461 5.91 -24.75 -5.14
C ASP B 461 6.24 -24.24 -6.57
N ASN B 462 7.02 -23.16 -6.67
CA ASN B 462 7.33 -22.53 -7.94
C ASN B 462 8.73 -22.97 -8.33
N ASP B 463 9.01 -22.90 -9.62
CA ASP B 463 10.37 -23.06 -10.11
C ASP B 463 11.24 -21.92 -9.53
N THR B 464 12.56 -22.02 -9.66
CA THR B 464 13.42 -20.90 -9.36
C THR B 464 13.10 -19.80 -10.39
N ILE B 465 13.49 -18.57 -10.09
CA ILE B 465 13.36 -17.47 -11.04
C ILE B 465 14.05 -17.77 -12.36
N ARG B 466 15.28 -18.27 -12.34
CA ARG B 466 15.94 -18.60 -13.60
C ARG B 466 15.21 -19.67 -14.37
N GLY B 467 14.76 -20.70 -13.65
CA GLY B 467 13.99 -21.81 -14.25
C GLY B 467 12.69 -21.37 -14.91
N TRP B 468 11.95 -20.54 -14.17
CA TRP B 468 10.72 -19.89 -14.59
C TRP B 468 10.93 -18.98 -15.80
N TRP B 469 11.94 -18.12 -15.72
CA TRP B 469 12.28 -17.23 -16.83
C TRP B 469 12.55 -18.05 -18.11
N ASP B 470 13.26 -19.17 -17.92
CA ASP B 470 13.64 -20.01 -19.03
C ASP B 470 12.50 -20.62 -19.82
N THR B 471 11.38 -20.94 -19.17
CA THR B 471 10.24 -21.54 -19.85
C THR B 471 9.07 -20.57 -20.06
N LEU B 472 9.31 -19.30 -19.77
CA LEU B 472 8.24 -18.35 -19.70
C LEU B 472 7.67 -18.05 -21.08
N ASP B 473 6.33 -18.02 -21.15
CA ASP B 473 5.57 -17.63 -22.36
C ASP B 473 5.98 -16.23 -22.83
N GLN B 474 6.13 -16.06 -24.15
CA GLN B 474 6.67 -14.81 -24.72
C GLN B 474 5.84 -13.55 -24.39
N GLU B 475 4.51 -13.67 -24.47
CA GLU B 475 3.60 -12.58 -24.05
C GLU B 475 3.92 -12.14 -22.62
N GLU B 476 3.92 -13.10 -21.70
CA GLU B 476 4.33 -12.84 -20.32
C GLU B 476 5.77 -12.29 -20.20
N LYS B 477 6.71 -12.86 -20.95
CA LYS B 477 8.10 -12.37 -20.87
C LYS B 477 8.24 -10.91 -21.33
N SER B 478 7.57 -10.55 -22.41
CA SER B 478 7.66 -9.18 -22.92
C SER B 478 7.06 -8.20 -21.90
N LYS B 479 5.94 -8.58 -21.28
CA LYS B 479 5.35 -7.82 -20.14
C LYS B 479 6.37 -7.57 -19.03
N ALA B 480 7.00 -8.66 -18.59
CA ALA B 480 7.90 -8.65 -17.44
C ALA B 480 9.08 -7.74 -17.70
N MET B 481 9.59 -7.75 -18.92
CA MET B 481 10.66 -6.82 -19.31
C MET B 481 10.30 -5.34 -19.14
N LYS B 482 9.03 -4.98 -19.38
CA LYS B 482 8.53 -3.61 -19.14
C LYS B 482 8.43 -3.22 -17.70
N TYR B 483 8.03 -4.15 -16.83
CA TYR B 483 7.84 -3.86 -15.43
C TYR B 483 9.15 -3.92 -14.67
N LEU B 484 9.97 -4.91 -14.99
CA LEU B 484 11.18 -5.18 -14.20
C LEU B 484 12.40 -4.43 -14.75
N SER B 485 13.35 -4.21 -13.88
CA SER B 485 14.66 -3.69 -14.22
C SER B 485 15.63 -4.87 -14.48
N ILE B 486 15.82 -5.24 -15.75
CA ILE B 486 16.65 -6.40 -16.10
C ILE B 486 17.96 -5.99 -16.77
N ALA B 487 19.06 -6.49 -16.21
CA ALA B 487 20.37 -6.39 -16.83
C ALA B 487 20.61 -7.67 -17.67
N GLY B 488 21.55 -8.54 -17.28
CA GLY B 488 21.76 -9.80 -17.98
C GLY B 488 20.74 -10.83 -17.55
N GLU B 489 20.42 -11.76 -18.45
CA GLU B 489 19.51 -12.87 -18.11
C GLU B 489 20.09 -13.81 -17.06
N ASP B 490 21.42 -13.90 -16.96
CA ASP B 490 22.12 -14.58 -15.84
C ASP B 490 21.62 -14.14 -14.47
N ASP B 491 21.34 -12.83 -14.32
CA ASP B 491 20.93 -12.22 -13.06
C ASP B 491 19.46 -11.91 -12.97
N ILE B 492 18.64 -12.54 -13.79
CA ILE B 492 17.19 -12.40 -13.67
C ILE B 492 16.68 -12.59 -12.23
N SER B 493 17.29 -13.48 -11.46
CA SER B 493 16.84 -13.71 -10.12
C SER B 493 17.00 -12.45 -9.29
N TRP B 494 18.12 -11.74 -9.48
CA TRP B 494 18.33 -10.47 -8.79
C TRP B 494 17.38 -9.36 -9.21
N SER B 495 16.92 -9.38 -10.47
CA SER B 495 15.93 -8.38 -10.95
C SER B 495 14.63 -8.58 -10.24
N VAL B 496 14.24 -9.85 -10.08
CA VAL B 496 13.00 -10.17 -9.38
C VAL B 496 13.13 -9.91 -7.88
N ILE B 497 14.30 -10.23 -7.33
CA ILE B 497 14.55 -9.94 -5.89
C ILE B 497 14.44 -8.44 -5.62
N GLN B 498 15.05 -7.64 -6.49
CA GLN B 498 14.94 -6.20 -6.34
C GLN B 498 13.47 -5.76 -6.38
N ALA B 499 12.69 -6.27 -7.34
CA ALA B 499 11.27 -5.93 -7.41
C ALA B 499 10.50 -6.31 -6.14
N ALA B 500 10.81 -7.45 -5.54
CA ALA B 500 10.17 -7.83 -4.27
C ALA B 500 10.57 -6.85 -3.19
N PHE B 501 11.86 -6.50 -3.13
CA PHE B 501 12.32 -5.60 -2.04
C PHE B 501 11.75 -4.18 -2.18
N SER B 502 11.55 -3.72 -3.41
CA SER B 502 10.99 -2.40 -3.68
C SER B 502 9.48 -2.27 -3.37
N SER B 503 8.81 -3.39 -3.14
CA SER B 503 7.42 -3.36 -2.84
C SER B 503 7.08 -2.62 -1.55
N THR B 504 5.83 -2.15 -1.46
CA THR B 504 5.23 -1.64 -0.22
C THR B 504 4.87 -2.71 0.81
N ALA B 505 4.89 -3.98 0.40
CA ALA B 505 4.59 -5.04 1.32
C ALA B 505 5.63 -5.04 2.43
N GLN B 506 5.14 -5.28 3.63
CA GLN B 506 5.94 -5.13 4.82
C GLN B 506 7.05 -6.17 4.89
N THR B 507 6.81 -7.36 4.35
CA THR B 507 7.76 -8.46 4.39
C THR B 507 8.03 -8.97 2.98
N ALA B 508 9.29 -9.18 2.64
CA ALA B 508 9.71 -9.78 1.38
C ALA B 508 10.56 -11.02 1.69
N ILE B 509 10.21 -12.17 1.09
CA ILE B 509 10.86 -13.46 1.34
C ILE B 509 11.36 -14.03 0.02
N ILE B 510 12.62 -14.41 -0.02
CA ILE B 510 13.27 -14.94 -1.19
C ILE B 510 13.79 -16.37 -0.90
N PRO B 511 13.46 -17.37 -1.76
CA PRO B 511 14.09 -18.70 -1.61
C PRO B 511 15.58 -18.67 -1.77
N MET B 512 16.28 -19.46 -0.95
CA MET B 512 17.75 -19.54 -1.05
C MET B 512 18.22 -19.90 -2.45
N GLN B 513 17.47 -20.71 -3.16
CA GLN B 513 17.87 -21.05 -4.55
C GLN B 513 18.07 -19.81 -5.44
N ASP B 514 17.26 -18.78 -5.25
CA ASP B 514 17.34 -17.56 -6.09
C ASP B 514 18.50 -16.65 -5.73
N ILE B 515 18.82 -16.58 -4.44
CA ILE B 515 20.02 -15.90 -4.00
C ILE B 515 21.26 -16.57 -4.57
N LEU B 516 21.22 -17.89 -4.73
CA LEU B 516 22.32 -18.60 -5.37
C LEU B 516 22.23 -18.61 -6.88
N GLY B 517 21.22 -18.00 -7.48
CA GLY B 517 21.10 -17.91 -8.94
C GLY B 517 20.98 -19.26 -9.62
N LEU B 518 20.29 -20.20 -8.99
CA LEU B 518 20.20 -21.59 -9.50
C LEU B 518 19.00 -21.82 -10.44
N GLY B 519 19.14 -22.85 -11.28
CA GLY B 519 18.15 -23.18 -12.29
C GLY B 519 17.14 -24.20 -11.81
N SER B 520 16.37 -24.70 -12.76
CA SER B 520 15.26 -25.65 -12.52
C SER B 520 15.58 -26.90 -11.75
N SER B 521 16.82 -27.35 -11.80
CA SER B 521 17.22 -28.56 -11.07
C SER B 521 17.18 -28.33 -9.56
N ALA B 522 17.24 -27.07 -9.13
CA ALA B 522 17.12 -26.70 -7.71
C ALA B 522 15.69 -26.43 -7.24
N ARG B 523 14.70 -26.66 -8.09
CA ARG B 523 13.31 -26.47 -7.68
C ARG B 523 13.00 -27.43 -6.55
N MET B 524 12.35 -26.96 -5.49
CA MET B 524 12.06 -27.78 -4.32
C MET B 524 10.92 -28.76 -4.58
N ASN B 525 9.82 -28.25 -5.14
CA ASN B 525 8.62 -29.08 -5.39
C ASN B 525 7.89 -28.66 -6.66
N THR B 526 7.40 -29.64 -7.39
CA THR B 526 6.47 -29.48 -8.52
C THR B 526 5.11 -30.05 -8.09
N PRO B 527 4.12 -29.17 -7.81
CA PRO B 527 2.77 -29.57 -7.41
C PRO B 527 2.13 -30.60 -8.33
N ALA B 528 1.35 -31.51 -7.73
CA ALA B 528 0.73 -32.62 -8.43
C ALA B 528 1.68 -33.68 -9.02
N THR B 529 2.94 -33.66 -8.65
CA THR B 529 3.83 -34.78 -8.97
C THR B 529 4.10 -35.55 -7.67
N GLU B 530 4.32 -36.85 -7.79
CA GLU B 530 4.39 -37.74 -6.63
C GLU B 530 5.82 -38.14 -6.26
N VAL B 531 6.79 -37.90 -7.14
CA VAL B 531 8.16 -38.37 -7.00
C VAL B 531 9.12 -37.26 -7.35
N GLY B 532 10.30 -37.28 -6.73
CA GLY B 532 11.39 -36.39 -7.08
C GLY B 532 11.29 -34.98 -6.48
N ASN B 533 10.59 -34.84 -5.37
CA ASN B 533 10.46 -33.55 -4.72
C ASN B 533 11.15 -33.50 -3.33
N TRP B 534 11.28 -32.28 -2.81
CA TRP B 534 11.78 -32.03 -1.45
C TRP B 534 13.26 -32.43 -1.19
N GLY B 535 14.03 -32.70 -2.25
CA GLY B 535 15.40 -33.18 -2.12
C GLY B 535 16.51 -32.15 -2.18
N TRP B 536 16.21 -30.93 -2.64
CA TRP B 536 17.30 -29.97 -2.91
C TRP B 536 18.19 -29.74 -1.68
N ARG B 537 19.49 -29.74 -1.91
CA ARG B 537 20.46 -29.29 -0.91
C ARG B 537 21.37 -28.21 -1.47
N ILE B 538 21.78 -27.31 -0.62
CA ILE B 538 22.84 -26.37 -0.96
C ILE B 538 24.02 -27.23 -1.42
N PRO B 539 24.59 -26.90 -2.59
CA PRO B 539 25.75 -27.70 -3.08
C PRO B 539 26.90 -27.72 -2.07
N SER B 540 27.50 -28.90 -1.91
CA SER B 540 28.55 -29.15 -0.91
C SER B 540 29.74 -28.18 -0.96
N SER B 541 29.98 -27.57 -2.12
CA SER B 541 31.04 -26.58 -2.33
C SER B 541 30.71 -25.17 -1.82
N THR B 542 29.43 -24.84 -1.74
CA THR B 542 28.99 -23.48 -1.34
C THR B 542 28.95 -23.40 0.18
N SER B 543 29.85 -22.66 0.81
CA SER B 543 29.73 -22.45 2.25
C SER B 543 29.20 -21.06 2.51
N PHE B 544 28.65 -20.87 3.70
CA PHE B 544 28.16 -19.55 4.12
C PHE B 544 29.27 -18.51 4.18
N ASP B 545 30.49 -19.00 4.40
CA ASP B 545 31.72 -18.22 4.24
C ASP B 545 32.04 -17.74 2.83
N ASN B 546 31.47 -18.35 1.80
CA ASN B 546 31.78 -18.03 0.40
C ASN B 546 30.64 -17.24 -0.22
N LEU B 547 29.84 -16.54 0.59
CA LEU B 547 28.69 -15.83 0.06
C LEU B 547 28.63 -14.39 0.55
N GLU B 548 29.79 -13.77 0.71
CA GLU B 548 29.85 -12.37 1.13
C GLU B 548 29.35 -11.39 0.03
N THR B 549 29.64 -11.71 -1.22
CA THR B 549 29.17 -10.93 -2.36
C THR B 549 27.69 -10.88 -2.38
N GLU B 550 27.06 -12.05 -2.21
CA GLU B 550 25.62 -12.14 -2.21
C GLU B 550 25.03 -11.42 -1.03
N SER B 551 25.67 -11.52 0.13
CA SER B 551 25.24 -10.85 1.35
C SER B 551 25.24 -9.36 1.13
N ASP B 552 26.36 -8.84 0.64
CA ASP B 552 26.53 -7.41 0.37
C ASP B 552 25.52 -6.86 -0.61
N ARG B 553 25.25 -7.62 -1.65
CA ARG B 553 24.26 -7.23 -2.63
C ARG B 553 22.83 -7.17 -2.05
N LEU B 554 22.47 -8.16 -1.23
CA LEU B 554 21.19 -8.09 -0.51
C LEU B 554 21.11 -6.90 0.43
N ARG B 555 22.13 -6.71 1.23
CA ARG B 555 22.18 -5.61 2.17
C ARG B 555 22.02 -4.24 1.48
N ASP B 556 22.66 -4.07 0.31
CA ASP B 556 22.51 -2.85 -0.49
C ASP B 556 21.05 -2.63 -0.88
N LEU B 557 20.37 -3.69 -1.33
CA LEU B 557 18.97 -3.59 -1.72
C LEU B 557 18.05 -3.32 -0.54
N LEU B 558 18.32 -3.99 0.59
CA LEU B 558 17.55 -3.71 1.81
C LEU B 558 17.73 -2.30 2.35
N SER B 559 18.96 -1.79 2.28
CA SER B 559 19.22 -0.41 2.64
C SER B 559 18.42 0.57 1.77
N LEU B 560 18.49 0.34 0.47
CA LEU B 560 17.78 1.15 -0.51
C LEU B 560 16.25 1.19 -0.29
N TYR B 561 15.66 0.04 0.01
CA TYR B 561 14.21 -0.05 0.13
C TYR B 561 13.72 -0.08 1.58
N GLY B 562 14.57 0.40 2.49
CA GLY B 562 14.23 0.66 3.88
C GLY B 562 13.79 -0.57 4.64
N ARG B 563 14.47 -1.70 4.41
CA ARG B 563 14.14 -2.99 5.02
C ARG B 563 15.21 -3.45 6.02
N LEU B 564 16.20 -2.59 6.31
CA LEU B 564 17.18 -2.86 7.36
C LEU B 564 16.72 -2.40 8.74
C2 BGC C . 11.73 17.39 2.52
C3 BGC C . 11.35 18.86 2.72
C4 BGC C . 9.88 19.08 2.36
C5 BGC C . 8.97 18.04 3.02
C6 BGC C . 7.59 18.01 2.42
C1 BGC C . 10.81 16.51 3.35
O1 BGC C . 11.17 15.17 3.21
O2 BGC C . 13.09 17.16 2.89
O3 BGC C . 12.18 19.70 1.92
O4 BGC C . 9.43 20.37 2.82
O5 BGC C . 9.49 16.70 2.88
O6 BGC C . 6.68 17.34 3.29
C1 GLC C . 9.59 21.52 1.94
C2 GLC C . 9.63 22.80 2.79
C3 GLC C . 8.25 23.14 3.35
C4 GLC C . 7.21 23.20 2.23
C5 GLC C . 7.25 21.89 1.43
C6 GLC C . 6.30 21.83 0.25
O2 GLC C . 10.56 22.67 3.85
O3 GLC C . 8.31 24.37 4.06
O4 GLC C . 5.91 23.37 2.80
O5 GLC C . 8.58 21.66 0.93
O6 GLC C . 6.62 22.71 -0.84
C1 GLC C . 5.51 24.75 3.06
C2 GLC C . 4.07 24.84 3.54
C3 GLC C . 3.09 24.54 2.41
C4 GLC C . 3.39 25.38 1.17
C5 GLC C . 4.87 25.22 0.82
C6 GLC C . 5.35 26.01 -0.39
O2 GLC C . 3.82 23.92 4.61
O3 GLC C . 1.77 24.75 2.90
O4 GLC C . 2.59 24.95 0.07
O5 GLC C . 5.68 25.60 1.93
O6 GLC C . 4.61 27.18 -0.60
C2 BGC D . 0.84 27.39 -2.26
C3 BGC D . 1.96 28.41 -2.36
C4 BGC D . 1.54 29.73 -1.68
C5 BGC D . 1.15 29.45 -0.24
C6 BGC D . 0.53 30.64 0.47
C1 BGC D . 0.34 27.21 -0.86
O2 BGC D . 1.28 26.12 -2.73
O3 BGC D . 2.29 28.61 -3.72
O4 BGC D . 2.60 30.67 -1.69
O5 BGC D . 0.13 28.46 -0.19
O6 BGC D . 1.33 31.80 0.41
C1 GLC D . 2.79 31.41 -2.91
C2 GLC D . 4.27 31.65 -3.10
C3 GLC D . 4.80 32.68 -2.10
C4 GLC D . 3.95 33.94 -2.13
C5 GLC D . 2.46 33.63 -2.04
C6 GLC D . 1.61 34.84 -2.33
O2 GLC D . 4.97 30.43 -2.91
O3 GLC D . 6.15 32.99 -2.43
O4 GLC D . 4.27 34.77 -1.02
O5 GLC D . 2.08 32.63 -3.00
O6 GLC D . 0.23 34.57 -2.17
C1 GLC D . 5.29 35.75 -1.31
C2 GLC D . 6.06 36.14 -0.04
C3 GLC D . 5.25 37.10 0.84
C4 GLC D . 4.66 38.24 0.02
C5 GLC D . 3.86 37.62 -1.11
C6 GLC D . 3.14 38.61 -1.99
O2 GLC D . 6.38 34.95 0.69
O3 GLC D . 6.10 37.63 1.86
O4 GLC D . 3.80 39.05 0.85
O5 GLC D . 4.74 36.89 -1.95
O6 GLC D . 2.77 38.05 -3.25
C1 GLC D . 4.34 40.38 1.09
C2 GLC D . 3.64 41.10 2.27
C3 GLC D . 2.33 41.78 1.88
C4 GLC D . 2.48 42.59 0.60
C5 GLC D . 3.02 41.65 -0.48
C6 GLC D . 3.15 42.29 -1.84
O2 GLC D . 3.42 40.18 3.33
O3 GLC D . 1.89 42.62 2.94
O4 GLC D . 1.22 43.11 0.19
O5 GLC D . 4.31 41.18 -0.10
O6 GLC D . 2.32 41.65 -2.79
C1 GLC E . -2.86 -16.12 -10.31
C2 GLC E . -2.31 -17.19 -11.25
C3 GLC E . -2.66 -18.60 -10.76
C4 GLC E . -2.25 -18.77 -9.30
C5 GLC E . -2.87 -17.67 -8.44
C6 GLC E . -2.39 -17.70 -7.01
O1 GLC E . -4.22 -16.03 -10.42
O2 GLC E . -2.86 -17.01 -12.55
O3 GLC E . -1.95 -19.53 -11.58
O4 GLC E . -2.69 -20.06 -8.83
O5 GLC E . -2.48 -16.38 -8.96
O6 GLC E . -3.42 -17.31 -6.11
C1 GLC E . -1.79 -21.13 -8.99
C2 GLC E . -2.60 -22.43 -9.12
C3 GLC E . -3.22 -22.81 -7.78
C4 GLC E . -2.14 -22.85 -6.69
C5 GLC E . -1.39 -21.53 -6.64
C6 GLC E . -0.24 -21.45 -5.66
O2 GLC E . -3.61 -22.28 -10.11
O3 GLC E . -3.91 -24.05 -7.89
O4 GLC E . -2.81 -23.00 -5.42
O5 GLC E . -0.84 -21.22 -7.94
O6 GLC E . 0.84 -22.31 -5.97
C1 AC1 E . -3.07 -24.27 -4.90
O2 AC1 E . -4.60 -23.22 -3.29
C2 AC1 E . -3.51 -24.13 -3.44
C4A AC1 E . 0.98 -28.20 -0.47
C3 AC1 E . -2.31 -23.73 -2.57
O3 AC1 E . -2.75 -23.65 -1.22
C4 AC1 E . -1.20 -24.77 -2.72
N4A AC1 E . 0.00 -24.61 -1.87
C5 AC1 E . -0.80 -24.85 -4.24
O5 AC1 E . -1.98 -25.17 -5.02
C6 AC1 E . 0.22 -25.92 -4.56
C1B AC1 E . 0.11 -25.28 -0.48
C2B AC1 E . 1.52 -25.79 -0.15
O2B AC1 E . 2.47 -24.75 -0.36
C3B AC1 E . 1.80 -27.02 -1.00
O3B AC1 E . 3.18 -27.31 -1.05
O4 AC1 E . 0.96 -29.30 -1.39
C5B AC1 E . -0.42 -27.77 -0.14
C7B AC1 E . -0.81 -26.49 -0.18
C6B AC1 E . -1.35 -28.88 0.25
O6B AC1 E . -1.09 -29.37 1.54
C1 GLC E . 2.09 -30.15 -1.61
C2 GLC E . 2.42 -30.44 -3.07
C3 GLC E . 1.48 -31.50 -3.66
C4 GLC E . 1.49 -32.73 -2.75
C5 GLC E . 1.04 -32.30 -1.35
C6 GLC E . 1.00 -33.43 -0.33
O2 GLC E . 2.33 -29.24 -3.84
O3 GLC E . 1.87 -31.83 -4.99
O4 GLC E . 0.62 -33.73 -3.30
O5 GLC E . 1.99 -31.35 -0.84
O6 GLC E . 2.25 -34.08 -0.20
C1 GLC E . 1.34 -34.61 -4.21
C2 GLC E . 0.36 -35.35 -5.12
C3 GLC E . -0.36 -36.47 -4.37
C4 GLC E . 0.64 -37.37 -3.65
C5 GLC E . 1.50 -36.49 -2.74
C6 GLC E . 2.54 -37.24 -1.94
O2 GLC E . -0.62 -34.45 -5.63
O3 GLC E . -1.14 -37.20 -5.30
O4 GLC E . -0.06 -38.33 -2.87
O5 GLC E . 2.20 -35.52 -3.53
O6 GLC E . 3.14 -36.42 -0.95
C1 GLC E . -0.32 -39.57 -3.57
C2 GLC E . -1.45 -40.29 -2.86
C3 GLC E . -0.98 -40.71 -1.47
C4 GLC E . 0.29 -41.57 -1.56
C5 GLC E . 1.35 -40.87 -2.40
C6 GLC E . 2.55 -41.74 -2.70
O2 GLC E . -2.57 -39.41 -2.73
O3 GLC E . -2.01 -41.42 -0.79
O4 GLC E . 0.81 -41.75 -0.25
O5 GLC E . 0.82 -40.44 -3.67
O6 GLC E . 3.27 -41.31 -3.86
C1 EDO F . -16.94 46.42 -12.61
O1 EDO F . -15.62 45.88 -12.73
C2 EDO F . -17.03 47.76 -13.37
O2 EDO F . -16.65 47.58 -14.72
C1 EDO G . -13.56 29.29 -4.21
O1 EDO G . -12.30 29.10 -4.84
C2 EDO G . -13.50 29.11 -2.65
O2 EDO G . -12.27 29.56 -2.09
C1 EDO H . -20.16 58.12 3.21
O1 EDO H . -20.97 56.96 3.09
C2 EDO H . -19.44 58.09 4.60
O2 EDO H . -18.93 59.36 4.95
C1 EDO I . -15.31 19.79 -2.18
O1 EDO I . -15.61 18.51 -2.71
C2 EDO I . -14.53 20.60 -3.24
O2 EDO I . -15.24 20.67 -4.47
C1 EDO J . 0.99 23.85 -13.91
O1 EDO J . 1.34 24.05 -15.29
C2 EDO J . 1.43 25.05 -13.01
O2 EDO J . 2.69 24.82 -12.45
C1 EDO K . 6.97 23.12 -12.87
O1 EDO K . 6.46 21.84 -13.23
C2 EDO K . 5.93 23.86 -12.02
O2 EDO K . 6.51 24.96 -11.32
C1 EDO L . 11.74 -45.29 18.53
O1 EDO L . 11.85 -44.78 17.20
C2 EDO L . 12.57 -46.59 18.68
O2 EDO L . 13.95 -46.31 18.50
C1 EDO M . 2.60 -18.87 15.49
O1 EDO M . 3.80 -18.89 16.24
C2 EDO M . 1.52 -18.01 16.20
O2 EDO M . 2.05 -16.74 16.63
C1 EDO N . 12.23 -24.18 -0.49
O1 EDO N . 12.67 -25.24 0.32
C2 EDO N . 13.44 -23.60 -1.15
O2 EDO N . 14.30 -22.83 -0.31
C1 EDO O . 12.34 -23.59 -5.25
O1 EDO O . 11.15 -24.29 -5.55
C2 EDO O . 12.28 -22.11 -5.70
O2 EDO O . 13.55 -21.48 -5.75
C1 EDO P . 11.25 -30.82 -8.25
O1 EDO P . 9.92 -31.16 -8.58
C2 EDO P . 12.10 -30.87 -9.52
O2 EDO P . 13.45 -30.92 -9.13
#